data_1RPW
#
_entry.id   1RPW
#
_cell.length_a   171.800
_cell.length_b   171.800
_cell.length_c   94.500
_cell.angle_alpha   90.00
_cell.angle_beta   90.00
_cell.angle_gamma   90.00
#
_symmetry.space_group_name_H-M   'P 42 21 2'
#
loop_
_entity.id
_entity.type
_entity.pdbx_description
1 polymer 'Transcriptional regulator qacR'
2 non-polymer 'SULFATE ION'
3 non-polymer "4,4'[1,6-HEXANEDIYLBIS(OXY)]BISBENZENECARBOXIMIDAMIDE"
4 water water
#
_entity_poly.entity_id   1
_entity_poly.type   'polypeptide(L)'
_entity_poly.pdbx_seq_one_letter_code
;MNLKDKILGVAKELFIKNGYNATTTGEIVKLSESSKGNLYYHFKTKENLFLEILNIEESKWQEQWKKEQIKAKTNREKFY
LYNELSLTTEYYYPLQNAIIEFYTEYYKTNSINEKMNKLENKYIDAYHVIFKEGNLNGEWSINDVNAVSKIAANAVNGIV
TFTHEQNINERIKLMNKFSQIFLNGLSK
;
_entity_poly.pdbx_strand_id   A,B,C,D
#
# COMPACT_ATOMS: atom_id res chain seq x y z
N ASN A 2 26.96 -36.63 -26.13
CA ASN A 2 27.21 -35.93 -27.43
C ASN A 2 27.84 -34.56 -27.17
N LEU A 3 28.34 -33.93 -28.23
CA LEU A 3 28.96 -32.61 -28.13
C LEU A 3 27.90 -31.49 -28.15
N LYS A 4 27.63 -30.95 -29.34
CA LYS A 4 26.65 -29.89 -29.52
C LYS A 4 25.26 -30.25 -29.01
N ASP A 5 24.78 -31.43 -29.38
CA ASP A 5 23.45 -31.88 -28.95
C ASP A 5 23.43 -32.42 -27.52
N LYS A 6 24.09 -31.71 -26.62
CA LYS A 6 24.11 -32.09 -25.21
C LYS A 6 23.84 -30.80 -24.47
N ILE A 7 24.43 -29.73 -25.00
CA ILE A 7 24.26 -28.38 -24.48
C ILE A 7 22.80 -28.07 -24.74
N LEU A 8 22.44 -28.05 -26.02
CA LEU A 8 21.07 -27.78 -26.45
C LEU A 8 20.09 -28.43 -25.47
N GLY A 9 20.41 -29.65 -25.06
CA GLY A 9 19.55 -30.35 -24.14
C GLY A 9 19.48 -29.64 -22.80
N VAL A 10 20.63 -29.54 -22.14
CA VAL A 10 20.70 -28.90 -20.83
C VAL A 10 20.09 -27.50 -20.91
N ALA A 11 20.36 -26.82 -22.02
CA ALA A 11 19.84 -25.47 -22.22
C ALA A 11 18.32 -25.49 -22.11
N LYS A 12 17.66 -26.13 -23.09
CA LYS A 12 16.20 -26.24 -23.10
C LYS A 12 15.69 -26.49 -21.68
N GLU A 13 16.41 -27.35 -20.96
CA GLU A 13 16.07 -27.72 -19.59
C GLU A 13 16.00 -26.52 -18.63
N LEU A 14 17.04 -25.70 -18.65
CA LEU A 14 17.09 -24.54 -17.78
C LEU A 14 16.23 -23.37 -18.28
N PHE A 15 16.04 -23.29 -19.58
CA PHE A 15 15.23 -22.22 -20.16
C PHE A 15 13.79 -22.38 -19.69
N ILE A 16 13.37 -23.63 -19.48
CA ILE A 16 12.02 -23.90 -19.02
C ILE A 16 11.98 -23.85 -17.50
N LYS A 17 12.90 -24.57 -16.86
CA LYS A 17 12.99 -24.62 -15.40
C LYS A 17 13.11 -23.23 -14.77
N ASN A 18 13.82 -22.32 -15.44
CA ASN A 18 13.99 -20.95 -14.98
C ASN A 18 13.54 -20.04 -16.11
N GLY A 19 13.85 -18.76 -16.01
CA GLY A 19 13.45 -17.85 -17.07
C GLY A 19 14.48 -17.87 -18.19
N TYR A 20 14.45 -16.88 -19.07
CA TYR A 20 15.42 -16.80 -20.15
C TYR A 20 16.69 -16.21 -19.58
N ASN A 21 16.50 -15.32 -18.61
CA ASN A 21 17.60 -14.64 -17.93
C ASN A 21 18.04 -15.47 -16.75
N ALA A 22 17.08 -15.93 -15.97
CA ALA A 22 17.36 -16.75 -14.79
C ALA A 22 18.42 -17.81 -15.12
N THR A 23 18.46 -18.22 -16.39
CA THR A 23 19.43 -19.21 -16.83
C THR A 23 20.46 -18.52 -17.71
N THR A 24 21.73 -18.84 -17.48
CA THR A 24 22.80 -18.23 -18.24
C THR A 24 23.86 -19.23 -18.65
N THR A 25 24.67 -18.84 -19.63
CA THR A 25 25.75 -19.68 -20.14
C THR A 25 26.57 -20.29 -19.01
N GLY A 26 26.75 -19.53 -17.94
CA GLY A 26 27.50 -20.04 -16.80
C GLY A 26 26.90 -21.35 -16.36
N GLU A 27 25.61 -21.33 -16.03
CA GLU A 27 24.91 -22.53 -15.59
C GLU A 27 24.97 -23.64 -16.64
N ILE A 28 24.61 -23.30 -17.87
CA ILE A 28 24.61 -24.26 -18.98
C ILE A 28 25.92 -25.02 -19.03
N VAL A 29 27.02 -24.26 -19.09
CA VAL A 29 28.35 -24.85 -19.15
C VAL A 29 28.60 -25.86 -18.05
N LYS A 30 28.57 -25.40 -16.80
CA LYS A 30 28.82 -26.29 -15.67
C LYS A 30 27.98 -27.57 -15.66
N LEU A 31 26.67 -27.44 -15.83
CA LEU A 31 25.78 -28.61 -15.83
C LEU A 31 25.89 -29.42 -17.11
N SER A 32 26.54 -28.85 -18.11
CA SER A 32 26.73 -29.53 -19.38
C SER A 32 28.22 -29.79 -19.56
N GLU A 33 28.94 -29.81 -18.43
CA GLU A 33 30.38 -30.05 -18.40
C GLU A 33 31.11 -29.66 -19.67
N SER A 34 31.54 -28.41 -19.74
CA SER A 34 32.25 -27.90 -20.91
C SER A 34 32.91 -26.55 -20.59
N SER A 35 33.26 -25.83 -21.64
CA SER A 35 33.88 -24.53 -21.46
C SER A 35 33.03 -23.49 -22.16
N LYS A 36 33.49 -22.25 -22.14
CA LYS A 36 32.77 -21.16 -22.76
C LYS A 36 32.98 -21.20 -24.27
N GLY A 37 34.25 -21.25 -24.68
CA GLY A 37 34.58 -21.29 -26.09
C GLY A 37 33.61 -22.14 -26.87
N ASN A 38 33.48 -23.40 -26.44
CA ASN A 38 32.59 -24.36 -27.08
C ASN A 38 31.42 -23.64 -27.73
N LEU A 39 30.63 -22.98 -26.88
CA LEU A 39 29.47 -22.24 -27.33
C LEU A 39 29.84 -21.04 -28.18
N TYR A 40 30.52 -21.26 -29.30
CA TYR A 40 30.86 -20.13 -30.14
C TYR A 40 30.84 -20.33 -31.66
N TYR A 41 31.29 -21.49 -32.16
CA TYR A 41 31.28 -21.73 -33.61
C TYR A 41 29.85 -21.90 -34.10
N HIS A 42 29.13 -22.87 -33.52
CA HIS A 42 27.75 -23.12 -33.90
C HIS A 42 26.84 -22.22 -33.06
N PHE A 43 27.25 -22.02 -31.80
CA PHE A 43 26.51 -21.18 -30.87
C PHE A 43 27.20 -19.84 -30.66
N LYS A 44 26.84 -18.84 -31.47
CA LYS A 44 27.42 -17.51 -31.34
C LYS A 44 26.99 -16.84 -30.03
N THR A 45 25.92 -16.04 -30.10
CA THR A 45 25.38 -15.34 -28.94
C THR A 45 24.56 -16.31 -28.06
N LYS A 46 24.04 -15.84 -26.92
CA LYS A 46 23.23 -16.71 -26.06
C LYS A 46 21.88 -16.85 -26.72
N GLU A 47 21.41 -15.76 -27.32
CA GLU A 47 20.13 -15.76 -28.00
C GLU A 47 20.22 -16.58 -29.29
N ASN A 48 21.41 -17.07 -29.57
CA ASN A 48 21.67 -17.89 -30.74
C ASN A 48 21.22 -19.29 -30.30
N LEU A 49 21.80 -19.76 -29.21
CA LEU A 49 21.47 -21.06 -28.62
C LEU A 49 19.99 -21.13 -28.32
N PHE A 50 19.41 -20.00 -27.93
CA PHE A 50 18.00 -19.97 -27.61
C PHE A 50 17.18 -20.03 -28.88
N LEU A 51 17.43 -19.08 -29.78
CA LEU A 51 16.71 -19.01 -31.05
C LEU A 51 16.78 -20.37 -31.73
N GLU A 52 17.88 -21.06 -31.47
CA GLU A 52 18.14 -22.40 -32.00
C GLU A 52 17.07 -23.32 -31.42
N ILE A 53 17.18 -23.57 -30.11
CA ILE A 53 16.25 -24.41 -29.37
C ILE A 53 14.81 -24.18 -29.82
N LEU A 54 14.40 -22.94 -29.98
CA LEU A 54 13.03 -22.68 -30.40
C LEU A 54 12.78 -23.40 -31.71
N ASN A 55 13.68 -23.23 -32.66
CA ASN A 55 13.58 -23.86 -33.97
C ASN A 55 13.40 -25.37 -33.84
N ILE A 56 14.26 -26.01 -33.03
CA ILE A 56 14.18 -27.45 -32.81
C ILE A 56 12.77 -27.84 -32.36
N GLU A 57 12.34 -27.23 -31.26
CA GLU A 57 11.03 -27.50 -30.68
C GLU A 57 9.89 -27.25 -31.64
N GLU A 58 9.95 -26.15 -32.37
CA GLU A 58 8.89 -25.85 -33.33
C GLU A 58 8.79 -26.99 -34.32
N SER A 59 9.93 -27.46 -34.80
CA SER A 59 9.98 -28.55 -35.77
C SER A 59 9.46 -29.84 -35.14
N LYS A 60 9.99 -30.18 -33.97
CA LYS A 60 9.55 -31.38 -33.27
C LYS A 60 8.03 -31.35 -33.13
N TRP A 61 7.49 -30.25 -32.63
CA TRP A 61 6.06 -30.14 -32.46
C TRP A 61 5.28 -30.29 -33.78
N GLN A 62 5.63 -29.47 -34.77
CA GLN A 62 4.93 -29.51 -36.05
C GLN A 62 5.00 -30.88 -36.71
N GLU A 63 5.95 -31.69 -36.25
CA GLU A 63 6.11 -33.04 -36.79
C GLU A 63 5.21 -34.02 -36.05
N GLN A 64 5.20 -33.92 -34.72
CA GLN A 64 4.35 -34.76 -33.89
C GLN A 64 2.91 -34.51 -34.32
N TRP A 65 2.63 -33.28 -34.73
CA TRP A 65 1.29 -32.88 -35.17
C TRP A 65 0.84 -33.67 -36.38
N LYS A 66 1.72 -33.74 -37.37
CA LYS A 66 1.41 -34.49 -38.58
C LYS A 66 1.34 -35.98 -38.26
N LYS A 67 2.29 -36.47 -37.45
CA LYS A 67 2.24 -37.87 -37.05
C LYS A 67 1.04 -38.07 -36.11
N GLU A 68 0.09 -37.15 -36.12
CA GLU A 68 -1.09 -37.27 -35.27
C GLU A 68 -2.36 -36.67 -35.83
N GLN A 69 -2.25 -35.88 -36.89
CA GLN A 69 -3.43 -35.25 -37.47
C GLN A 69 -4.28 -36.22 -38.27
N ILE A 70 -3.70 -37.38 -38.60
CA ILE A 70 -4.40 -38.38 -39.38
C ILE A 70 -5.68 -38.75 -38.65
N LYS A 71 -5.65 -38.73 -37.33
CA LYS A 71 -6.80 -39.07 -36.54
C LYS A 71 -7.93 -38.05 -36.66
N ALA A 72 -7.89 -37.20 -37.68
CA ALA A 72 -8.93 -36.21 -37.87
C ALA A 72 -9.29 -36.16 -39.35
N LYS A 73 -10.51 -36.63 -39.66
CA LYS A 73 -10.99 -36.69 -41.04
C LYS A 73 -11.24 -35.33 -41.68
N THR A 74 -11.95 -34.45 -40.97
CA THR A 74 -12.23 -33.12 -41.48
C THR A 74 -11.21 -32.14 -40.94
N ASN A 75 -11.22 -30.92 -41.47
CA ASN A 75 -10.31 -29.89 -41.00
C ASN A 75 -10.89 -29.31 -39.74
N ARG A 76 -12.21 -29.28 -39.66
CA ARG A 76 -12.89 -28.79 -38.47
C ARG A 76 -12.30 -29.58 -37.30
N GLU A 77 -12.23 -30.89 -37.46
CA GLU A 77 -11.67 -31.74 -36.43
C GLU A 77 -10.19 -31.42 -36.24
N LYS A 78 -9.45 -31.24 -37.34
CA LYS A 78 -8.02 -30.93 -37.29
C LYS A 78 -7.77 -29.69 -36.41
N PHE A 79 -8.57 -28.64 -36.63
CA PHE A 79 -8.48 -27.42 -35.86
C PHE A 79 -8.58 -27.81 -34.38
N TYR A 80 -9.72 -28.38 -34.00
CA TYR A 80 -9.96 -28.85 -32.63
C TYR A 80 -8.81 -29.65 -32.05
N LEU A 81 -8.36 -30.65 -32.79
CA LEU A 81 -7.30 -31.52 -32.35
C LEU A 81 -5.97 -30.81 -32.12
N TYR A 82 -5.59 -29.93 -33.05
CA TYR A 82 -4.33 -29.18 -32.91
C TYR A 82 -4.33 -28.38 -31.61
N ASN A 83 -5.45 -27.73 -31.34
CA ASN A 83 -5.60 -26.91 -30.16
C ASN A 83 -5.58 -27.77 -28.89
N GLU A 84 -6.25 -28.92 -28.93
CA GLU A 84 -6.27 -29.82 -27.76
C GLU A 84 -4.87 -30.32 -27.50
N LEU A 85 -4.21 -30.80 -28.55
CA LEU A 85 -2.85 -31.32 -28.42
C LEU A 85 -1.89 -30.27 -27.91
N SER A 86 -2.10 -29.03 -28.33
CA SER A 86 -1.24 -27.93 -27.91
C SER A 86 -1.06 -27.95 -26.42
N LEU A 87 -2.15 -28.29 -25.72
CA LEU A 87 -2.17 -28.34 -24.28
C LEU A 87 -1.40 -29.50 -23.66
N THR A 88 -1.21 -30.57 -24.42
CA THR A 88 -0.54 -31.72 -23.83
C THR A 88 0.88 -32.02 -24.26
N THR A 89 1.32 -31.51 -25.41
CA THR A 89 2.67 -31.74 -25.90
C THR A 89 3.75 -31.47 -24.84
N GLU A 90 5.00 -31.65 -25.24
CA GLU A 90 6.12 -31.38 -24.38
C GLU A 90 7.02 -30.52 -25.25
N TYR A 91 6.48 -30.15 -26.40
CA TYR A 91 7.24 -29.35 -27.34
C TYR A 91 6.80 -27.90 -27.53
N TYR A 92 7.80 -27.06 -27.77
CA TYR A 92 7.63 -25.64 -28.02
C TYR A 92 6.80 -24.86 -26.99
N TYR A 93 5.53 -25.20 -26.84
CA TYR A 93 4.66 -24.50 -25.90
C TYR A 93 5.16 -24.35 -24.47
N PRO A 94 6.01 -25.29 -24.00
CA PRO A 94 6.51 -25.15 -22.63
C PRO A 94 7.59 -24.07 -22.56
N LEU A 95 7.82 -23.38 -23.67
CA LEU A 95 8.83 -22.32 -23.72
C LEU A 95 8.24 -20.95 -23.95
N GLN A 96 6.92 -20.87 -24.06
CA GLN A 96 6.24 -19.59 -24.28
C GLN A 96 6.63 -18.57 -23.22
N ASN A 97 6.60 -18.96 -21.94
CA ASN A 97 6.99 -18.02 -20.90
C ASN A 97 8.40 -17.55 -21.21
N ALA A 98 9.30 -18.49 -21.49
CA ALA A 98 10.69 -18.15 -21.81
C ALA A 98 10.78 -17.23 -23.00
N ILE A 99 10.05 -17.56 -24.06
CA ILE A 99 10.07 -16.73 -25.25
C ILE A 99 9.64 -15.30 -24.94
N ILE A 100 8.61 -15.15 -24.10
CA ILE A 100 8.09 -13.83 -23.71
C ILE A 100 9.19 -12.93 -23.16
N GLU A 101 10.00 -13.46 -22.25
CA GLU A 101 11.09 -12.68 -21.68
C GLU A 101 11.99 -12.29 -22.82
N PHE A 102 12.53 -13.31 -23.48
CA PHE A 102 13.43 -13.12 -24.60
C PHE A 102 12.98 -11.97 -25.49
N TYR A 103 11.79 -12.09 -26.07
CA TYR A 103 11.34 -11.01 -26.94
C TYR A 103 11.28 -9.65 -26.24
N THR A 104 10.94 -9.63 -24.95
CA THR A 104 10.88 -8.37 -24.22
C THR A 104 12.23 -8.00 -23.61
N GLU A 105 13.31 -8.29 -24.34
CA GLU A 105 14.67 -8.00 -23.89
C GLU A 105 15.57 -8.04 -25.11
N TYR A 106 14.96 -7.99 -26.27
CA TYR A 106 15.67 -8.01 -27.54
C TYR A 106 14.73 -7.51 -28.63
N TYR A 107 13.75 -6.71 -28.23
CA TYR A 107 12.79 -6.15 -29.19
C TYR A 107 13.32 -4.82 -29.71
N LYS A 108 14.41 -4.36 -29.09
CA LYS A 108 15.06 -3.11 -29.45
C LYS A 108 16.08 -3.31 -30.57
N THR A 109 16.29 -4.56 -30.97
CA THR A 109 17.23 -4.89 -32.05
C THR A 109 16.48 -5.43 -33.28
N ASN A 110 17.16 -5.50 -34.42
CA ASN A 110 16.54 -5.97 -35.66
C ASN A 110 16.77 -7.45 -35.98
N SER A 111 17.94 -7.97 -35.62
CA SER A 111 18.24 -9.39 -35.89
C SER A 111 17.25 -10.31 -35.17
N ILE A 112 16.37 -9.71 -34.37
CA ILE A 112 15.35 -10.42 -33.60
C ILE A 112 14.01 -10.47 -34.31
N ASN A 113 13.48 -9.28 -34.63
CA ASN A 113 12.19 -9.18 -35.30
C ASN A 113 12.22 -9.85 -36.67
N GLU A 114 13.31 -10.58 -36.95
CA GLU A 114 13.47 -11.31 -38.20
C GLU A 114 13.32 -12.81 -37.94
N LYS A 115 14.19 -13.36 -37.09
CA LYS A 115 14.14 -14.77 -36.74
C LYS A 115 12.86 -14.97 -35.94
N MET A 116 12.72 -14.14 -34.91
CA MET A 116 11.55 -14.15 -34.02
C MET A 116 10.26 -13.93 -34.81
N ASN A 117 10.41 -13.58 -36.08
CA ASN A 117 9.26 -13.35 -36.95
C ASN A 117 9.26 -14.38 -38.08
N LYS A 118 10.44 -14.92 -38.39
CA LYS A 118 10.58 -15.92 -39.44
C LYS A 118 10.09 -17.24 -38.87
N LEU A 119 10.03 -17.31 -37.54
CA LEU A 119 9.56 -18.50 -36.85
C LEU A 119 8.04 -18.40 -36.72
N GLU A 120 7.52 -17.18 -36.85
CA GLU A 120 6.09 -16.95 -36.77
C GLU A 120 5.35 -17.69 -37.88
N ASN A 121 6.02 -17.87 -39.01
CA ASN A 121 5.41 -18.56 -40.12
C ASN A 121 5.27 -20.03 -39.80
N LYS A 122 6.31 -20.61 -39.21
CA LYS A 122 6.28 -22.02 -38.84
C LYS A 122 5.17 -22.27 -37.80
N TYR A 123 4.97 -21.26 -36.96
CA TYR A 123 3.99 -21.26 -35.88
C TYR A 123 2.54 -21.15 -36.37
N ILE A 124 2.30 -20.33 -37.38
CA ILE A 124 0.95 -20.17 -37.86
C ILE A 124 0.65 -21.04 -39.08
N ASP A 125 1.69 -21.62 -39.67
CA ASP A 125 1.50 -22.45 -40.84
C ASP A 125 0.41 -23.47 -40.62
N ALA A 126 0.56 -24.25 -39.54
CA ALA A 126 -0.39 -25.27 -39.19
C ALA A 126 -1.83 -24.79 -39.38
N TYR A 127 -2.13 -23.58 -38.92
CA TYR A 127 -3.47 -23.03 -39.05
C TYR A 127 -3.75 -22.62 -40.47
N HIS A 128 -2.74 -22.16 -41.17
CA HIS A 128 -2.93 -21.75 -42.55
C HIS A 128 -3.39 -22.91 -43.41
N VAL A 129 -2.69 -24.04 -43.29
CA VAL A 129 -3.06 -25.24 -44.03
C VAL A 129 -4.50 -25.58 -43.67
N ILE A 130 -4.75 -25.84 -42.39
CA ILE A 130 -6.08 -26.19 -41.90
C ILE A 130 -7.18 -25.25 -42.38
N PHE A 131 -6.88 -23.97 -42.50
CA PHE A 131 -7.91 -23.03 -42.94
C PHE A 131 -8.02 -22.95 -44.46
N LYS A 132 -6.91 -23.11 -45.15
CA LYS A 132 -6.91 -23.05 -46.60
C LYS A 132 -7.63 -24.29 -47.13
N GLU A 133 -7.16 -25.45 -46.66
CA GLU A 133 -7.71 -26.74 -47.04
C GLU A 133 -9.19 -26.79 -46.73
N GLY A 134 -9.59 -26.12 -45.65
CA GLY A 134 -10.98 -26.08 -45.28
C GLY A 134 -11.79 -25.30 -46.30
N ASN A 135 -11.11 -24.43 -47.03
CA ASN A 135 -11.78 -23.63 -48.05
C ASN A 135 -12.01 -24.47 -49.30
N LEU A 136 -10.99 -25.25 -49.67
CA LEU A 136 -11.08 -26.13 -50.82
C LEU A 136 -12.13 -27.19 -50.49
N ASN A 137 -12.08 -27.69 -49.26
CA ASN A 137 -12.99 -28.71 -48.80
C ASN A 137 -14.38 -28.14 -48.48
N GLY A 138 -14.54 -26.85 -48.70
CA GLY A 138 -15.83 -26.21 -48.45
C GLY A 138 -16.43 -26.34 -47.06
N GLU A 139 -15.61 -26.58 -46.04
CA GLU A 139 -16.11 -26.68 -44.67
C GLU A 139 -16.51 -25.29 -44.18
N TRP A 140 -15.89 -24.28 -44.77
CA TRP A 140 -16.13 -22.88 -44.44
C TRP A 140 -15.54 -22.02 -45.56
N SER A 141 -15.64 -20.71 -45.39
CA SER A 141 -15.11 -19.79 -46.38
C SER A 141 -14.44 -18.60 -45.73
N ILE A 142 -13.11 -18.64 -45.66
CA ILE A 142 -12.30 -17.56 -45.08
C ILE A 142 -11.53 -16.88 -46.20
N ASN A 143 -11.71 -15.58 -46.40
CA ASN A 143 -10.98 -14.92 -47.47
C ASN A 143 -9.76 -14.14 -46.97
N ASP A 144 -9.52 -14.21 -45.66
CA ASP A 144 -8.37 -13.55 -45.05
C ASP A 144 -7.64 -14.55 -44.18
N VAL A 145 -7.30 -15.69 -44.78
CA VAL A 145 -6.62 -16.77 -44.07
C VAL A 145 -5.52 -16.36 -43.12
N ASN A 146 -4.49 -15.69 -43.62
CA ASN A 146 -3.37 -15.29 -42.77
C ASN A 146 -3.81 -14.57 -41.51
N ALA A 147 -4.78 -13.67 -41.63
CA ALA A 147 -5.27 -12.94 -40.47
C ALA A 147 -5.83 -13.99 -39.51
N VAL A 148 -6.81 -14.73 -40.00
CA VAL A 148 -7.45 -15.77 -39.21
C VAL A 148 -6.41 -16.73 -38.65
N SER A 149 -5.45 -17.13 -39.48
CA SER A 149 -4.42 -18.04 -39.00
C SER A 149 -3.66 -17.43 -37.83
N LYS A 150 -3.25 -16.18 -37.99
CA LYS A 150 -2.51 -15.48 -36.95
C LYS A 150 -3.36 -15.31 -35.68
N ILE A 151 -4.59 -14.82 -35.87
CA ILE A 151 -5.49 -14.62 -34.75
C ILE A 151 -5.65 -15.92 -33.95
N ALA A 152 -5.84 -17.03 -34.65
CA ALA A 152 -6.00 -18.35 -34.01
C ALA A 152 -4.72 -18.79 -33.30
N ALA A 153 -3.61 -18.76 -34.04
CA ALA A 153 -2.35 -19.15 -33.44
C ALA A 153 -2.15 -18.39 -32.14
N ASN A 154 -2.46 -17.11 -32.12
CA ASN A 154 -2.23 -16.37 -30.89
C ASN A 154 -3.31 -16.57 -29.83
N ALA A 155 -4.56 -16.62 -30.24
CA ALA A 155 -5.61 -16.83 -29.25
C ALA A 155 -5.26 -18.11 -28.49
N VAL A 156 -5.06 -19.18 -29.25
CA VAL A 156 -4.74 -20.47 -28.66
C VAL A 156 -3.52 -20.41 -27.76
N ASN A 157 -2.41 -19.92 -28.29
CA ASN A 157 -1.22 -19.86 -27.47
C ASN A 157 -1.60 -19.21 -26.13
N GLY A 158 -2.51 -18.24 -26.21
CA GLY A 158 -2.96 -17.54 -25.02
C GLY A 158 -3.62 -18.47 -24.03
N ILE A 159 -4.62 -19.20 -24.48
CA ILE A 159 -5.33 -20.14 -23.62
C ILE A 159 -4.40 -21.18 -23.04
N VAL A 160 -3.41 -21.61 -23.82
CA VAL A 160 -2.47 -22.59 -23.33
C VAL A 160 -1.54 -22.01 -22.28
N THR A 161 -1.04 -20.81 -22.55
CA THR A 161 -0.08 -20.16 -21.67
C THR A 161 -0.57 -19.58 -20.35
N PHE A 162 -1.73 -18.94 -20.36
CA PHE A 162 -2.25 -18.28 -19.16
C PHE A 162 -3.29 -19.04 -18.34
N THR A 163 -3.30 -20.36 -18.45
CA THR A 163 -4.18 -21.21 -17.66
C THR A 163 -3.29 -22.35 -17.13
N HIS A 164 -2.04 -22.39 -17.62
CA HIS A 164 -1.06 -23.42 -17.26
C HIS A 164 -0.70 -23.50 -15.76
N GLU A 165 -1.60 -24.09 -14.98
CA GLU A 165 -1.43 -24.25 -13.54
C GLU A 165 -2.75 -24.65 -12.88
N GLN A 166 -3.69 -25.14 -13.69
CA GLN A 166 -4.98 -25.57 -13.18
C GLN A 166 -5.34 -26.91 -13.83
N ASN A 167 -6.38 -27.56 -13.30
CA ASN A 167 -6.84 -28.86 -13.81
C ASN A 167 -6.68 -29.01 -15.33
N ILE A 168 -5.78 -29.91 -15.72
CA ILE A 168 -5.49 -30.17 -17.13
C ILE A 168 -6.70 -30.52 -17.96
N ASN A 169 -7.72 -31.09 -17.31
CA ASN A 169 -8.92 -31.48 -18.02
C ASN A 169 -9.89 -30.33 -18.11
N GLU A 170 -9.65 -29.28 -17.30
CA GLU A 170 -10.50 -28.10 -17.36
C GLU A 170 -9.97 -27.28 -18.54
N ARG A 171 -8.65 -27.30 -18.72
CA ARG A 171 -7.96 -26.61 -19.81
C ARG A 171 -8.52 -27.17 -21.11
N ILE A 172 -8.41 -28.47 -21.26
CA ILE A 172 -8.90 -29.15 -22.43
C ILE A 172 -10.36 -28.81 -22.70
N LYS A 173 -11.12 -28.53 -21.64
CA LYS A 173 -12.52 -28.22 -21.85
C LYS A 173 -12.63 -26.85 -22.52
N LEU A 174 -12.08 -25.82 -21.87
CA LEU A 174 -12.10 -24.45 -22.38
C LEU A 174 -11.59 -24.42 -23.81
N MET A 175 -10.44 -25.07 -24.02
CA MET A 175 -9.83 -25.10 -25.33
C MET A 175 -10.80 -25.61 -26.38
N ASN A 176 -11.67 -26.52 -26.00
CA ASN A 176 -12.64 -27.05 -26.96
C ASN A 176 -13.83 -26.11 -27.15
N LYS A 177 -14.21 -25.41 -26.08
CA LYS A 177 -15.31 -24.48 -26.21
C LYS A 177 -14.77 -23.35 -27.09
N PHE A 178 -13.47 -23.12 -26.98
CA PHE A 178 -12.86 -22.09 -27.80
C PHE A 178 -12.98 -22.48 -29.28
N SER A 179 -12.36 -23.60 -29.64
CA SER A 179 -12.39 -24.10 -31.02
C SER A 179 -13.82 -24.10 -31.54
N GLN A 180 -14.72 -24.49 -30.66
CA GLN A 180 -16.12 -24.52 -30.99
C GLN A 180 -16.51 -23.10 -31.42
N ILE A 181 -16.48 -22.18 -30.47
CA ILE A 181 -16.84 -20.79 -30.75
C ILE A 181 -16.09 -20.11 -31.91
N PHE A 182 -14.79 -20.37 -32.05
CA PHE A 182 -14.06 -19.70 -33.12
C PHE A 182 -14.53 -20.12 -34.48
N LEU A 183 -14.62 -21.44 -34.66
CA LEU A 183 -15.06 -22.00 -35.93
C LEU A 183 -16.48 -21.58 -36.27
N ASN A 184 -17.33 -21.48 -35.27
CA ASN A 184 -18.69 -21.09 -35.52
C ASN A 184 -18.78 -19.63 -35.94
N GLY A 185 -17.72 -18.87 -35.66
CA GLY A 185 -17.72 -17.47 -36.03
C GLY A 185 -17.17 -17.24 -37.43
N LEU A 186 -16.55 -18.28 -37.99
CA LEU A 186 -15.97 -18.18 -39.30
C LEU A 186 -16.97 -18.16 -40.44
N SER A 187 -18.24 -18.47 -40.15
CA SER A 187 -19.27 -18.46 -41.20
C SER A 187 -20.71 -18.35 -40.65
N ASN B 2 0.80 8.03 5.74
CA ASN B 2 0.53 7.03 4.66
C ASN B 2 1.86 6.58 4.10
N LEU B 3 2.78 6.09 4.94
CA LEU B 3 4.01 5.65 4.34
C LEU B 3 3.88 4.25 3.76
N LYS B 4 2.73 3.62 3.98
CA LYS B 4 2.46 2.32 3.39
C LYS B 4 2.24 2.75 1.96
N ASP B 5 1.40 3.77 1.78
CA ASP B 5 1.14 4.29 0.44
C ASP B 5 2.39 4.81 -0.23
N LYS B 6 3.23 5.51 0.53
CA LYS B 6 4.47 6.05 0.00
C LYS B 6 5.38 4.91 -0.47
N ILE B 7 5.41 3.82 0.29
CA ILE B 7 6.22 2.67 -0.11
C ILE B 7 5.69 2.09 -1.42
N LEU B 8 4.39 1.87 -1.53
CA LEU B 8 3.86 1.33 -2.78
C LEU B 8 4.28 2.22 -3.97
N GLY B 9 4.14 3.53 -3.79
CA GLY B 9 4.52 4.45 -4.83
C GLY B 9 5.98 4.38 -5.25
N VAL B 10 6.87 4.50 -4.28
CA VAL B 10 8.30 4.47 -4.59
C VAL B 10 8.64 3.13 -5.25
N ALA B 11 8.07 2.07 -4.69
CA ALA B 11 8.30 0.73 -5.19
C ALA B 11 7.82 0.64 -6.64
N LYS B 12 6.61 1.09 -6.92
CA LYS B 12 6.13 1.04 -8.29
C LYS B 12 7.18 1.64 -9.23
N GLU B 13 7.62 2.86 -8.91
CA GLU B 13 8.62 3.56 -9.71
C GLU B 13 9.95 2.83 -9.82
N LEU B 14 10.50 2.38 -8.70
CA LEU B 14 11.76 1.65 -8.73
C LEU B 14 11.62 0.43 -9.65
N PHE B 15 10.55 -0.34 -9.47
CA PHE B 15 10.29 -1.52 -10.30
C PHE B 15 10.23 -1.12 -11.76
N ILE B 16 9.52 -0.02 -12.04
CA ILE B 16 9.40 0.47 -13.42
C ILE B 16 10.77 0.85 -13.97
N LYS B 17 11.57 1.59 -13.19
CA LYS B 17 12.87 2.01 -13.68
C LYS B 17 13.90 0.90 -13.79
N ASN B 18 13.97 0.02 -12.80
CA ASN B 18 14.98 -1.03 -12.83
C ASN B 18 14.47 -2.46 -12.89
N GLY B 19 13.16 -2.65 -12.91
CA GLY B 19 12.64 -4.02 -12.99
C GLY B 19 12.50 -4.72 -11.65
N TYR B 20 11.85 -5.88 -11.65
CA TYR B 20 11.66 -6.60 -10.41
C TYR B 20 12.90 -7.08 -9.69
N ASN B 21 13.73 -7.86 -10.37
CA ASN B 21 14.92 -8.41 -9.77
C ASN B 21 15.94 -7.46 -9.19
N ALA B 22 16.27 -6.40 -9.90
CA ALA B 22 17.28 -5.46 -9.42
C ALA B 22 16.84 -4.55 -8.29
N THR B 23 15.53 -4.38 -8.14
CA THR B 23 15.02 -3.51 -7.09
C THR B 23 15.10 -4.25 -5.75
N THR B 24 15.79 -3.63 -4.80
CA THR B 24 15.99 -4.20 -3.46
C THR B 24 15.13 -3.49 -2.43
N THR B 25 14.62 -4.23 -1.44
CA THR B 25 13.79 -3.59 -0.42
C THR B 25 14.59 -2.49 0.27
N GLY B 26 15.91 -2.56 0.19
CA GLY B 26 16.73 -1.53 0.80
C GLY B 26 16.46 -0.19 0.15
N GLU B 27 16.55 -0.16 -1.18
CA GLU B 27 16.28 1.06 -1.92
C GLU B 27 14.91 1.55 -1.53
N ILE B 28 13.92 0.66 -1.61
CA ILE B 28 12.57 1.01 -1.26
C ILE B 28 12.50 1.61 0.13
N VAL B 29 13.19 1.00 1.07
CA VAL B 29 13.15 1.52 2.41
C VAL B 29 13.65 2.97 2.47
N LYS B 30 14.89 3.22 2.07
CA LYS B 30 15.42 4.57 2.12
C LYS B 30 14.68 5.59 1.24
N LEU B 31 14.40 5.24 -0.02
CA LEU B 31 13.71 6.18 -0.89
C LEU B 31 12.32 6.55 -0.43
N SER B 32 11.70 5.72 0.39
CA SER B 32 10.35 6.05 0.88
C SER B 32 10.43 6.56 2.31
N GLU B 33 11.65 6.68 2.80
CA GLU B 33 11.90 7.16 4.15
C GLU B 33 11.18 6.36 5.21
N SER B 34 11.10 5.06 4.99
CA SER B 34 10.45 4.15 5.92
C SER B 34 11.51 3.29 6.63
N SER B 35 11.23 2.01 6.83
CA SER B 35 12.19 1.15 7.51
C SER B 35 11.99 -0.32 7.16
N LYS B 36 13.01 -1.15 7.39
CA LYS B 36 12.89 -2.57 7.09
C LYS B 36 11.65 -3.11 7.81
N GLY B 37 11.52 -2.70 9.07
CA GLY B 37 10.41 -3.15 9.89
C GLY B 37 9.07 -2.74 9.36
N ASN B 38 8.91 -1.46 9.07
CA ASN B 38 7.63 -1.00 8.57
C ASN B 38 7.29 -1.73 7.30
N LEU B 39 8.29 -1.91 6.44
CA LEU B 39 8.08 -2.61 5.19
C LEU B 39 7.67 -4.06 5.45
N TYR B 40 8.31 -4.70 6.43
CA TYR B 40 8.01 -6.09 6.80
C TYR B 40 6.58 -6.19 7.33
N TYR B 41 6.22 -5.28 8.22
CA TYR B 41 4.88 -5.30 8.79
C TYR B 41 3.77 -5.13 7.76
N HIS B 42 4.03 -4.40 6.68
CA HIS B 42 3.01 -4.15 5.66
C HIS B 42 2.94 -5.15 4.53
N PHE B 43 4.08 -5.73 4.14
CA PHE B 43 4.05 -6.65 3.02
C PHE B 43 4.84 -7.92 3.20
N LYS B 44 5.54 -8.02 4.32
CA LYS B 44 6.32 -9.23 4.61
C LYS B 44 7.50 -9.49 3.68
N THR B 45 7.26 -9.50 2.38
CA THR B 45 8.34 -9.76 1.43
C THR B 45 8.23 -8.90 0.20
N LYS B 46 9.28 -8.91 -0.63
CA LYS B 46 9.24 -8.12 -1.84
C LYS B 46 8.15 -8.65 -2.76
N GLU B 47 8.01 -9.98 -2.84
CA GLU B 47 6.98 -10.61 -3.70
C GLU B 47 5.60 -10.12 -3.32
N ASN B 48 5.37 -10.02 -2.03
CA ASN B 48 4.07 -9.60 -1.62
C ASN B 48 3.87 -8.13 -1.93
N LEU B 49 4.92 -7.36 -1.70
CA LEU B 49 4.88 -5.93 -1.98
C LEU B 49 4.44 -5.76 -3.42
N PHE B 50 5.13 -6.47 -4.31
CA PHE B 50 4.85 -6.39 -5.72
C PHE B 50 3.39 -6.78 -6.05
N LEU B 51 2.94 -7.92 -5.54
CA LEU B 51 1.58 -8.39 -5.79
C LEU B 51 0.57 -7.36 -5.35
N GLU B 52 0.94 -6.67 -4.27
CA GLU B 52 0.12 -5.61 -3.67
C GLU B 52 -0.06 -4.50 -4.69
N ILE B 53 1.05 -4.05 -5.26
CA ILE B 53 1.04 -3.02 -6.30
C ILE B 53 0.12 -3.46 -7.45
N LEU B 54 0.34 -4.69 -7.94
CA LEU B 54 -0.47 -5.25 -9.02
C LEU B 54 -1.98 -5.18 -8.73
N ASN B 55 -2.37 -5.37 -7.48
CA ASN B 55 -3.79 -5.27 -7.17
C ASN B 55 -4.23 -3.82 -7.27
N ILE B 56 -3.39 -2.91 -6.77
CA ILE B 56 -3.71 -1.50 -6.83
C ILE B 56 -3.90 -1.17 -8.30
N GLU B 57 -2.97 -1.63 -9.12
CA GLU B 57 -3.00 -1.39 -10.56
C GLU B 57 -4.27 -1.98 -11.16
N GLU B 58 -4.63 -3.19 -10.75
CA GLU B 58 -5.82 -3.82 -11.26
C GLU B 58 -7.01 -2.90 -10.95
N SER B 59 -7.03 -2.39 -9.72
CA SER B 59 -8.08 -1.46 -9.29
C SER B 59 -8.18 -0.24 -10.16
N LYS B 60 -7.04 0.40 -10.42
CA LYS B 60 -7.05 1.57 -11.27
C LYS B 60 -7.58 1.17 -12.65
N TRP B 61 -7.16 0.02 -13.16
CA TRP B 61 -7.64 -0.41 -14.46
C TRP B 61 -9.15 -0.53 -14.44
N GLN B 62 -9.73 -1.11 -13.38
CA GLN B 62 -11.18 -1.22 -13.29
C GLN B 62 -11.84 0.15 -13.31
N GLU B 63 -11.38 1.01 -12.41
CA GLU B 63 -11.86 2.36 -12.31
C GLU B 63 -11.83 2.99 -13.69
N GLN B 64 -10.69 2.85 -14.36
CA GLN B 64 -10.53 3.40 -15.70
C GLN B 64 -11.61 2.84 -16.64
N TRP B 65 -11.75 1.52 -16.66
CA TRP B 65 -12.72 0.83 -17.51
C TRP B 65 -14.14 1.27 -17.25
N LYS B 66 -14.47 1.50 -15.98
CA LYS B 66 -15.81 1.94 -15.61
C LYS B 66 -16.11 3.25 -16.31
N LYS B 67 -15.16 4.18 -16.31
CA LYS B 67 -15.38 5.45 -16.96
C LYS B 67 -15.38 5.32 -18.47
N GLU B 68 -14.45 4.52 -18.99
CA GLU B 68 -14.30 4.34 -20.42
C GLU B 68 -15.41 3.54 -21.12
N GLN B 69 -16.04 2.60 -20.42
CA GLN B 69 -17.06 1.77 -21.04
C GLN B 69 -18.37 2.47 -21.32
N ILE B 70 -18.53 3.68 -20.82
CA ILE B 70 -19.75 4.43 -21.09
C ILE B 70 -19.75 4.83 -22.58
N LYS B 71 -18.58 4.83 -23.21
CA LYS B 71 -18.50 5.16 -24.62
C LYS B 71 -19.14 4.05 -25.45
N ALA B 72 -19.37 2.89 -24.83
CA ALA B 72 -19.96 1.78 -25.57
C ALA B 72 -21.38 1.42 -25.12
N LYS B 73 -22.37 1.80 -25.93
CA LYS B 73 -23.77 1.57 -25.62
C LYS B 73 -24.18 0.12 -25.42
N THR B 74 -23.96 -0.70 -26.45
CA THR B 74 -24.31 -2.12 -26.40
C THR B 74 -23.14 -2.92 -25.88
N ASN B 75 -23.40 -4.13 -25.41
CA ASN B 75 -22.34 -4.97 -24.89
C ASN B 75 -21.44 -5.46 -25.99
N ARG B 76 -21.98 -5.63 -27.20
CA ARG B 76 -21.15 -6.08 -28.32
C ARG B 76 -19.99 -5.08 -28.41
N GLU B 77 -20.37 -3.80 -28.35
CA GLU B 77 -19.42 -2.70 -28.42
C GLU B 77 -18.40 -2.74 -27.28
N LYS B 78 -18.91 -2.93 -26.06
CA LYS B 78 -18.04 -3.01 -24.89
C LYS B 78 -17.01 -4.14 -25.09
N PHE B 79 -17.42 -5.22 -25.74
CA PHE B 79 -16.49 -6.32 -25.98
C PHE B 79 -15.37 -5.85 -26.92
N TYR B 80 -15.75 -5.27 -28.05
CA TYR B 80 -14.81 -4.75 -29.04
C TYR B 80 -13.85 -3.72 -28.42
N LEU B 81 -14.43 -2.80 -27.64
CA LEU B 81 -13.64 -1.74 -27.03
C LEU B 81 -12.66 -2.21 -25.98
N TYR B 82 -13.13 -2.99 -25.04
CA TYR B 82 -12.27 -3.48 -23.97
C TYR B 82 -11.06 -4.23 -24.53
N ASN B 83 -11.26 -5.04 -25.55
CA ASN B 83 -10.16 -5.78 -26.13
C ASN B 83 -9.16 -4.86 -26.75
N GLU B 84 -9.64 -3.85 -27.48
CA GLU B 84 -8.74 -2.88 -28.11
C GLU B 84 -7.88 -2.25 -27.02
N LEU B 85 -8.53 -1.77 -25.96
CA LEU B 85 -7.83 -1.16 -24.83
C LEU B 85 -6.73 -2.03 -24.25
N SER B 86 -7.02 -3.30 -24.04
CA SER B 86 -6.05 -4.21 -23.48
C SER B 86 -4.83 -4.29 -24.38
N LEU B 87 -5.04 -4.10 -25.68
CA LEU B 87 -3.94 -4.16 -26.63
C LEU B 87 -3.19 -2.85 -26.65
N THR B 88 -3.88 -1.75 -26.93
CA THR B 88 -3.19 -0.48 -26.98
C THR B 88 -2.56 -0.02 -25.66
N THR B 89 -3.21 -0.29 -24.54
CA THR B 89 -2.61 0.18 -23.29
C THR B 89 -1.33 -0.56 -22.95
N GLU B 90 -1.28 -1.88 -23.14
CA GLU B 90 -0.06 -2.59 -22.76
C GLU B 90 1.08 -2.17 -23.68
N TYR B 91 0.77 -1.57 -24.80
CA TYR B 91 1.85 -1.15 -25.67
C TYR B 91 2.81 -0.24 -24.92
N TYR B 92 2.24 0.57 -24.03
CA TYR B 92 3.04 1.50 -23.26
C TYR B 92 2.80 1.43 -21.76
N TYR B 93 2.59 0.23 -21.25
CA TYR B 93 2.40 0.06 -19.80
C TYR B 93 3.81 -0.12 -19.26
N PRO B 94 4.25 0.77 -18.36
CA PRO B 94 5.59 0.75 -17.74
C PRO B 94 5.89 -0.48 -16.90
N LEU B 95 4.95 -0.92 -16.10
CA LEU B 95 5.16 -2.08 -15.24
C LEU B 95 5.26 -3.36 -16.03
N GLN B 96 4.73 -3.35 -17.25
CA GLN B 96 4.71 -4.51 -18.11
C GLN B 96 5.93 -5.38 -18.00
N ASN B 97 7.10 -4.79 -18.16
CA ASN B 97 8.34 -5.56 -18.12
C ASN B 97 8.68 -6.15 -16.75
N ALA B 98 8.37 -5.43 -15.68
CA ALA B 98 8.63 -5.96 -14.34
C ALA B 98 7.65 -7.09 -14.04
N ILE B 99 6.45 -6.99 -14.59
CA ILE B 99 5.43 -8.02 -14.39
C ILE B 99 5.93 -9.31 -15.03
N ILE B 100 6.37 -9.23 -16.30
CA ILE B 100 6.88 -10.42 -17.00
C ILE B 100 7.99 -11.05 -16.17
N GLU B 101 8.92 -10.21 -15.74
CA GLU B 101 10.03 -10.67 -14.93
C GLU B 101 9.48 -11.46 -13.73
N PHE B 102 8.64 -10.80 -12.94
CA PHE B 102 8.04 -11.40 -11.75
C PHE B 102 7.25 -12.67 -12.02
N TYR B 103 6.37 -12.59 -13.02
CA TYR B 103 5.52 -13.71 -13.41
C TYR B 103 6.35 -14.94 -13.80
N THR B 104 7.18 -14.79 -14.82
CA THR B 104 8.04 -15.87 -15.29
C THR B 104 9.19 -16.10 -14.32
N GLU B 105 8.87 -16.14 -13.04
CA GLU B 105 9.88 -16.33 -12.02
C GLU B 105 9.21 -16.83 -10.74
N TYR B 106 7.88 -16.91 -10.77
CA TYR B 106 7.14 -17.36 -9.61
C TYR B 106 5.96 -18.26 -9.98
N TYR B 107 5.73 -18.44 -11.28
CA TYR B 107 4.62 -19.28 -11.74
C TYR B 107 4.91 -20.74 -11.40
N LYS B 108 5.93 -20.96 -10.58
CA LYS B 108 6.35 -22.28 -10.13
C LYS B 108 6.07 -22.41 -8.64
N THR B 109 5.64 -21.31 -8.02
CA THR B 109 5.35 -21.30 -6.59
C THR B 109 3.86 -21.15 -6.35
N ASN B 110 3.21 -22.23 -5.94
CA ASN B 110 1.77 -22.23 -5.69
C ASN B 110 1.38 -21.11 -4.73
N SER B 111 2.31 -20.77 -3.84
CA SER B 111 2.07 -19.71 -2.89
C SER B 111 1.72 -18.45 -3.69
N ILE B 112 2.70 -17.94 -4.41
CA ILE B 112 2.53 -16.74 -5.24
C ILE B 112 1.53 -16.98 -6.36
N ASN B 113 1.60 -18.16 -6.96
CA ASN B 113 0.71 -18.52 -8.07
C ASN B 113 -0.75 -18.47 -7.64
N GLU B 114 -1.02 -18.69 -6.36
CA GLU B 114 -2.38 -18.66 -5.87
C GLU B 114 -2.96 -17.26 -6.05
N LYS B 115 -2.37 -16.29 -5.36
CA LYS B 115 -2.80 -14.89 -5.40
C LYS B 115 -2.79 -14.35 -6.83
N MET B 116 -1.83 -14.82 -7.62
CA MET B 116 -1.73 -14.40 -9.00
C MET B 116 -3.02 -14.71 -9.74
N ASN B 117 -3.72 -15.76 -9.32
CA ASN B 117 -4.97 -16.11 -9.97
C ASN B 117 -6.15 -15.30 -9.46
N LYS B 118 -6.11 -14.92 -8.19
CA LYS B 118 -7.19 -14.12 -7.65
C LYS B 118 -7.20 -12.82 -8.46
N LEU B 119 -6.01 -12.32 -8.74
CA LEU B 119 -5.80 -11.10 -9.49
C LEU B 119 -6.28 -11.26 -10.93
N GLU B 120 -5.86 -12.37 -11.54
CA GLU B 120 -6.23 -12.70 -12.89
C GLU B 120 -7.74 -12.76 -12.98
N ASN B 121 -8.36 -13.34 -11.96
CA ASN B 121 -9.81 -13.45 -11.94
C ASN B 121 -10.45 -12.10 -11.93
N LYS B 122 -9.83 -11.14 -11.26
CA LYS B 122 -10.38 -9.79 -11.22
C LYS B 122 -10.45 -9.21 -12.64
N TYR B 123 -9.44 -9.48 -13.46
CA TYR B 123 -9.43 -8.97 -14.82
C TYR B 123 -10.46 -9.71 -15.66
N ILE B 124 -10.74 -10.96 -15.33
CA ILE B 124 -11.74 -11.72 -16.09
C ILE B 124 -13.17 -11.24 -15.83
N ASP B 125 -13.43 -10.72 -14.64
CA ASP B 125 -14.78 -10.28 -14.34
C ASP B 125 -15.33 -9.33 -15.37
N ALA B 126 -14.45 -8.50 -15.94
CA ALA B 126 -14.87 -7.52 -16.93
C ALA B 126 -15.68 -8.20 -18.01
N TYR B 127 -15.18 -9.35 -18.46
CA TYR B 127 -15.83 -10.15 -19.49
C TYR B 127 -17.10 -10.74 -18.95
N HIS B 128 -16.99 -11.32 -17.77
CA HIS B 128 -18.14 -11.92 -17.14
C HIS B 128 -19.29 -10.92 -17.15
N VAL B 129 -19.02 -9.68 -16.73
CA VAL B 129 -20.07 -8.67 -16.74
C VAL B 129 -20.60 -8.44 -18.15
N ILE B 130 -19.70 -8.14 -19.08
CA ILE B 130 -20.11 -7.91 -20.45
C ILE B 130 -21.02 -9.06 -20.95
N PHE B 131 -20.59 -10.29 -20.70
CA PHE B 131 -21.35 -11.43 -21.16
C PHE B 131 -22.68 -11.58 -20.45
N LYS B 132 -22.70 -11.41 -19.13
CA LYS B 132 -23.93 -11.50 -18.34
C LYS B 132 -24.93 -10.50 -18.89
N GLU B 133 -24.47 -9.26 -19.06
CA GLU B 133 -25.31 -8.19 -19.58
C GLU B 133 -25.78 -8.44 -20.99
N GLY B 134 -24.91 -9.01 -21.82
CA GLY B 134 -25.27 -9.28 -23.20
C GLY B 134 -26.47 -10.20 -23.28
N ASN B 135 -26.54 -11.12 -22.32
CA ASN B 135 -27.64 -12.06 -22.23
C ASN B 135 -28.95 -11.29 -21.97
N LEU B 136 -28.97 -10.57 -20.86
CA LEU B 136 -30.13 -9.78 -20.44
C LEU B 136 -30.55 -8.72 -21.44
N ASN B 137 -29.95 -8.72 -22.61
CA ASN B 137 -30.27 -7.75 -23.65
C ASN B 137 -30.40 -8.40 -25.02
N GLY B 138 -30.40 -9.72 -25.05
CA GLY B 138 -30.55 -10.42 -26.30
C GLY B 138 -29.50 -10.12 -27.34
N GLU B 139 -28.32 -9.73 -26.90
CA GLU B 139 -27.24 -9.46 -27.84
C GLU B 139 -26.68 -10.82 -28.23
N TRP B 140 -26.77 -11.74 -27.28
CA TRP B 140 -26.28 -13.09 -27.48
C TRP B 140 -26.88 -13.92 -26.37
N SER B 141 -26.75 -15.25 -26.49
CA SER B 141 -27.27 -16.12 -25.45
C SER B 141 -26.17 -17.09 -25.03
N ILE B 142 -25.57 -16.84 -23.88
CA ILE B 142 -24.51 -17.72 -23.42
C ILE B 142 -24.99 -18.35 -22.13
N ASN B 143 -24.89 -19.67 -22.04
CA ASN B 143 -25.32 -20.34 -20.81
C ASN B 143 -24.13 -20.69 -19.91
N ASP B 144 -22.91 -20.40 -20.39
CA ASP B 144 -21.70 -20.67 -19.63
C ASP B 144 -20.79 -19.45 -19.57
N VAL B 145 -21.32 -18.35 -19.04
CA VAL B 145 -20.57 -17.12 -18.95
C VAL B 145 -19.17 -17.31 -18.41
N ASN B 146 -19.04 -17.80 -17.18
CA ASN B 146 -17.71 -18.02 -16.60
C ASN B 146 -16.73 -18.63 -17.58
N ALA B 147 -17.21 -19.60 -18.35
CA ALA B 147 -16.39 -20.29 -19.30
C ALA B 147 -15.94 -19.39 -20.44
N VAL B 148 -16.91 -18.94 -21.24
CA VAL B 148 -16.60 -18.05 -22.34
C VAL B 148 -15.77 -16.86 -21.84
N SER B 149 -15.97 -16.50 -20.57
CA SER B 149 -15.24 -15.40 -19.98
C SER B 149 -13.75 -15.72 -19.80
N LYS B 150 -13.43 -16.91 -19.31
CA LYS B 150 -12.02 -17.26 -19.13
C LYS B 150 -11.40 -17.41 -20.50
N ILE B 151 -12.18 -17.92 -21.44
CA ILE B 151 -11.70 -18.12 -22.80
C ILE B 151 -11.36 -16.77 -23.45
N ALA B 152 -12.33 -15.87 -23.51
CA ALA B 152 -12.09 -14.55 -24.10
C ALA B 152 -10.86 -13.93 -23.45
N ALA B 153 -10.88 -13.82 -22.13
CA ALA B 153 -9.76 -13.22 -21.41
C ALA B 153 -8.42 -13.77 -21.90
N ASN B 154 -8.23 -15.07 -21.81
CA ASN B 154 -6.98 -15.67 -22.24
C ASN B 154 -6.67 -15.56 -23.74
N ALA B 155 -7.70 -15.69 -24.57
CA ALA B 155 -7.49 -15.57 -26.01
C ALA B 155 -6.97 -14.17 -26.27
N VAL B 156 -7.70 -13.17 -25.77
CA VAL B 156 -7.28 -11.80 -25.95
C VAL B 156 -5.87 -11.56 -25.40
N ASN B 157 -5.58 -12.01 -24.18
CA ASN B 157 -4.23 -11.78 -23.67
C ASN B 157 -3.17 -12.41 -24.57
N GLY B 158 -3.55 -13.48 -25.26
CA GLY B 158 -2.61 -14.14 -26.16
C GLY B 158 -2.30 -13.31 -27.41
N ILE B 159 -3.33 -12.66 -27.92
CA ILE B 159 -3.15 -11.81 -29.08
C ILE B 159 -2.32 -10.57 -28.70
N VAL B 160 -2.51 -10.09 -27.49
CA VAL B 160 -1.77 -8.94 -27.01
C VAL B 160 -0.29 -9.28 -26.76
N THR B 161 -0.07 -10.43 -26.15
CA THR B 161 1.27 -10.90 -25.78
C THR B 161 2.17 -11.49 -26.84
N PHE B 162 1.60 -12.25 -27.77
CA PHE B 162 2.43 -12.90 -28.77
C PHE B 162 2.39 -12.29 -30.16
N THR B 163 2.32 -10.96 -30.23
CA THR B 163 2.26 -10.33 -31.54
C THR B 163 3.18 -9.11 -31.65
N HIS B 164 3.44 -8.45 -30.52
CA HIS B 164 4.29 -7.24 -30.45
C HIS B 164 4.88 -6.68 -31.77
N GLU B 165 5.77 -7.46 -32.41
CA GLU B 165 6.47 -7.09 -33.66
C GLU B 165 5.70 -6.46 -34.83
N GLN B 166 4.56 -7.03 -35.18
CA GLN B 166 3.79 -6.45 -36.28
C GLN B 166 3.49 -4.98 -35.93
N ASN B 167 3.28 -4.13 -36.95
CA ASN B 167 2.99 -2.71 -36.68
C ASN B 167 1.66 -2.55 -35.91
N ILE B 168 1.60 -1.53 -35.08
CA ILE B 168 0.46 -1.28 -34.22
C ILE B 168 -0.93 -1.26 -34.87
N ASN B 169 -1.03 -0.84 -36.12
CA ASN B 169 -2.35 -0.84 -36.75
C ASN B 169 -2.75 -2.26 -37.10
N GLU B 170 -1.79 -3.03 -37.57
CA GLU B 170 -2.02 -4.42 -37.93
C GLU B 170 -2.63 -5.16 -36.72
N ARG B 171 -1.99 -5.00 -35.58
CA ARG B 171 -2.44 -5.61 -34.33
C ARG B 171 -3.88 -5.18 -34.04
N ILE B 172 -4.11 -3.87 -33.93
CA ILE B 172 -5.47 -3.38 -33.65
C ILE B 172 -6.43 -4.07 -34.62
N LYS B 173 -6.01 -4.16 -35.88
CA LYS B 173 -6.83 -4.79 -36.91
C LYS B 173 -7.13 -6.25 -36.59
N LEU B 174 -6.10 -7.04 -36.34
CA LEU B 174 -6.29 -8.44 -36.01
C LEU B 174 -7.19 -8.54 -34.79
N MET B 175 -6.88 -7.79 -33.75
CA MET B 175 -7.70 -7.84 -32.53
C MET B 175 -9.17 -7.62 -32.87
N ASN B 176 -9.48 -6.54 -33.57
CA ASN B 176 -10.86 -6.26 -33.93
C ASN B 176 -11.45 -7.37 -34.77
N LYS B 177 -10.61 -8.01 -35.59
CA LYS B 177 -11.08 -9.11 -36.42
C LYS B 177 -11.47 -10.21 -35.47
N PHE B 178 -10.57 -10.54 -34.55
CA PHE B 178 -10.84 -11.55 -33.54
C PHE B 178 -12.16 -11.20 -32.81
N SER B 179 -12.28 -9.98 -32.31
CA SER B 179 -13.49 -9.58 -31.60
C SER B 179 -14.73 -9.82 -32.42
N GLN B 180 -14.58 -9.86 -33.74
CA GLN B 180 -15.71 -10.08 -34.61
C GLN B 180 -16.04 -11.57 -34.73
N ILE B 181 -15.04 -12.35 -35.12
CA ILE B 181 -15.17 -13.80 -35.26
C ILE B 181 -15.74 -14.42 -33.99
N PHE B 182 -15.16 -14.05 -32.85
CA PHE B 182 -15.58 -14.59 -31.57
C PHE B 182 -17.02 -14.25 -31.26
N LEU B 183 -17.32 -12.97 -31.27
CA LEU B 183 -18.68 -12.53 -30.97
C LEU B 183 -19.67 -13.19 -31.91
N ASN B 184 -19.24 -13.47 -33.13
CA ASN B 184 -20.11 -14.07 -34.14
C ASN B 184 -20.47 -15.51 -33.81
N GLY B 185 -19.49 -16.28 -33.32
CA GLY B 185 -19.76 -17.67 -32.99
C GLY B 185 -20.48 -17.86 -31.67
N LEU B 186 -21.28 -16.90 -31.26
CA LEU B 186 -22.02 -17.00 -30.00
C LEU B 186 -23.52 -16.96 -30.31
N SER B 187 -23.83 -16.71 -31.58
CA SER B 187 -25.21 -16.61 -32.05
C SER B 187 -25.63 -17.73 -33.04
N ASN C 2 -32.30 6.81 32.17
CA ASN C 2 -32.43 5.36 32.50
C ASN C 2 -31.06 4.75 32.77
N LEU C 3 -30.89 3.50 32.37
CA LEU C 3 -29.63 2.80 32.56
C LEU C 3 -28.55 3.43 31.68
N LYS C 4 -28.97 4.13 30.64
CA LYS C 4 -28.05 4.80 29.71
C LYS C 4 -26.93 5.57 30.42
N ASP C 5 -27.26 6.14 31.57
CA ASP C 5 -26.31 6.92 32.34
C ASP C 5 -25.26 6.05 33.01
N LYS C 6 -25.63 4.81 33.30
CA LYS C 6 -24.73 3.84 33.92
C LYS C 6 -23.67 3.49 32.87
N ILE C 7 -24.14 3.20 31.66
CA ILE C 7 -23.27 2.88 30.53
C ILE C 7 -22.32 4.04 30.25
N LEU C 8 -22.88 5.20 29.89
CA LEU C 8 -22.07 6.37 29.62
C LEU C 8 -21.00 6.55 30.69
N GLY C 9 -21.40 6.32 31.94
CA GLY C 9 -20.48 6.45 33.06
C GLY C 9 -19.36 5.44 33.10
N VAL C 10 -19.68 4.16 33.18
CA VAL C 10 -18.62 3.15 33.22
C VAL C 10 -17.76 3.31 31.97
N ALA C 11 -18.37 3.57 30.83
CA ALA C 11 -17.65 3.74 29.59
C ALA C 11 -16.60 4.85 29.64
N LYS C 12 -17.01 6.04 30.05
CA LYS C 12 -16.11 7.18 30.14
C LYS C 12 -14.90 6.84 30.98
N GLU C 13 -15.15 6.15 32.09
CA GLU C 13 -14.08 5.78 33.01
C GLU C 13 -13.10 4.79 32.36
N LEU C 14 -13.63 3.87 31.57
CA LEU C 14 -12.80 2.89 30.88
C LEU C 14 -11.99 3.51 29.74
N PHE C 15 -12.60 4.42 28.99
CA PHE C 15 -11.88 5.06 27.90
C PHE C 15 -10.74 5.93 28.43
N ILE C 16 -10.85 6.33 29.69
CA ILE C 16 -9.84 7.15 30.32
C ILE C 16 -8.77 6.28 30.96
N LYS C 17 -9.17 5.08 31.37
CA LYS C 17 -8.24 4.17 32.03
C LYS C 17 -7.41 3.39 31.02
N ASN C 18 -8.08 2.85 29.99
CA ASN C 18 -7.40 2.04 29.00
C ASN C 18 -7.33 2.63 27.60
N GLY C 19 -8.09 3.69 27.35
CA GLY C 19 -8.06 4.30 26.04
C GLY C 19 -9.12 3.65 25.19
N TYR C 20 -9.41 4.21 24.03
CA TYR C 20 -10.45 3.70 23.15
C TYR C 20 -10.38 2.24 22.69
N ASN C 21 -9.29 1.88 22.04
CA ASN C 21 -9.14 0.54 21.52
C ASN C 21 -9.13 -0.60 22.53
N ALA C 22 -8.45 -0.41 23.66
CA ALA C 22 -8.38 -1.47 24.66
C ALA C 22 -9.68 -1.72 25.44
N THR C 23 -10.69 -0.90 25.15
CA THR C 23 -11.98 -1.02 25.83
C THR C 23 -13.08 -1.52 24.92
N THR C 24 -13.50 -2.76 25.18
CA THR C 24 -14.54 -3.40 24.40
C THR C 24 -15.90 -3.12 25.00
N THR C 25 -16.94 -3.12 24.17
CA THR C 25 -18.27 -2.86 24.70
C THR C 25 -18.52 -3.95 25.73
N GLY C 26 -18.00 -5.14 25.47
CA GLY C 26 -18.17 -6.23 26.41
C GLY C 26 -17.84 -5.83 27.82
N GLU C 27 -16.68 -5.23 28.03
CA GLU C 27 -16.30 -4.81 29.37
C GLU C 27 -17.13 -3.62 29.81
N ILE C 28 -17.63 -2.84 28.85
CA ILE C 28 -18.47 -1.67 29.16
C ILE C 28 -19.74 -2.20 29.85
N VAL C 29 -20.42 -3.09 29.14
CA VAL C 29 -21.66 -3.72 29.58
C VAL C 29 -21.61 -4.42 30.93
N LYS C 30 -20.87 -5.51 31.04
CA LYS C 30 -20.81 -6.23 32.31
C LYS C 30 -20.29 -5.43 33.49
N LEU C 31 -19.53 -4.38 33.23
CA LEU C 31 -18.99 -3.58 34.33
C LEU C 31 -20.05 -2.56 34.78
N SER C 32 -21.01 -2.28 33.91
CA SER C 32 -22.08 -1.34 34.20
C SER C 32 -23.38 -2.09 34.46
N GLU C 33 -23.35 -3.41 34.29
CA GLU C 33 -24.51 -4.27 34.50
C GLU C 33 -25.58 -4.06 33.42
N SER C 34 -25.48 -4.81 32.33
CA SER C 34 -26.45 -4.69 31.25
C SER C 34 -26.19 -5.73 30.17
N SER C 35 -26.68 -5.46 28.96
CA SER C 35 -26.51 -6.39 27.85
C SER C 35 -26.07 -5.63 26.60
N LYS C 36 -25.23 -6.28 25.79
CA LYS C 36 -24.74 -5.66 24.57
C LYS C 36 -25.87 -5.05 23.75
N GLY C 37 -26.90 -5.85 23.45
CA GLY C 37 -28.01 -5.36 22.68
C GLY C 37 -28.59 -4.10 23.29
N ASN C 38 -28.51 -3.98 24.61
CA ASN C 38 -29.03 -2.82 25.30
C ASN C 38 -28.19 -1.61 24.94
N LEU C 39 -26.87 -1.74 25.08
CA LEU C 39 -25.94 -0.67 24.75
C LEU C 39 -26.17 -0.24 23.30
N TYR C 40 -26.49 -1.21 22.45
CA TYR C 40 -26.78 -0.94 21.05
C TYR C 40 -28.07 -0.15 20.96
N TYR C 41 -29.09 -0.64 21.68
CA TYR C 41 -30.40 -0.02 21.71
C TYR C 41 -30.34 1.48 22.03
N HIS C 42 -29.39 1.87 22.87
CA HIS C 42 -29.22 3.26 23.28
C HIS C 42 -28.28 4.10 22.42
N PHE C 43 -27.15 3.53 22.02
CA PHE C 43 -26.20 4.29 21.25
C PHE C 43 -25.89 3.71 19.87
N LYS C 44 -26.31 2.47 19.64
CA LYS C 44 -26.08 1.76 18.37
C LYS C 44 -24.73 1.05 18.27
N THR C 45 -23.65 1.83 18.20
CA THR C 45 -22.32 1.27 18.10
C THR C 45 -21.33 1.95 19.05
N LYS C 46 -20.44 1.16 19.66
CA LYS C 46 -19.45 1.70 20.58
C LYS C 46 -18.86 2.98 20.04
N GLU C 47 -18.62 3.02 18.73
CA GLU C 47 -18.05 4.21 18.11
C GLU C 47 -18.95 5.42 18.34
N ASN C 48 -20.24 5.19 18.42
CA ASN C 48 -21.17 6.28 18.62
C ASN C 48 -21.31 6.60 20.10
N LEU C 49 -21.17 5.57 20.94
CA LEU C 49 -21.24 5.71 22.38
C LEU C 49 -20.15 6.68 22.79
N PHE C 50 -18.97 6.45 22.23
CA PHE C 50 -17.82 7.28 22.52
C PHE C 50 -18.03 8.70 21.97
N LEU C 51 -18.74 8.82 20.85
CA LEU C 51 -18.99 10.14 20.28
C LEU C 51 -19.89 10.93 21.22
N GLU C 52 -20.83 10.24 21.84
CA GLU C 52 -21.74 10.87 22.77
C GLU C 52 -20.91 11.34 23.97
N ILE C 53 -20.21 10.38 24.58
CA ILE C 53 -19.36 10.67 25.72
C ILE C 53 -18.53 11.90 25.40
N LEU C 54 -18.15 12.05 24.13
CA LEU C 54 -17.34 13.18 23.71
C LEU C 54 -18.10 14.49 23.79
N ASN C 55 -19.27 14.56 23.16
CA ASN C 55 -20.07 15.78 23.20
C ASN C 55 -20.35 16.18 24.65
N ILE C 56 -20.58 15.18 25.49
CA ILE C 56 -20.83 15.43 26.89
C ILE C 56 -19.64 16.16 27.52
N GLU C 57 -18.44 15.59 27.39
CA GLU C 57 -17.26 16.21 27.96
C GLU C 57 -17.02 17.61 27.43
N GLU C 58 -17.05 17.77 26.11
CA GLU C 58 -16.81 19.10 25.54
C GLU C 58 -17.82 20.13 26.01
N SER C 59 -19.01 19.68 26.36
CA SER C 59 -20.03 20.60 26.83
C SER C 59 -19.88 20.87 28.32
N LYS C 60 -19.77 19.81 29.13
CA LYS C 60 -19.61 20.01 30.56
C LYS C 60 -18.25 20.65 30.85
N TRP C 61 -17.63 21.20 29.81
CA TRP C 61 -16.34 21.88 29.91
C TRP C 61 -16.48 23.31 29.41
N GLN C 62 -17.00 23.46 28.20
CA GLN C 62 -17.18 24.78 27.64
C GLN C 62 -18.27 25.45 28.47
N GLU C 63 -18.83 24.69 29.40
CA GLU C 63 -19.88 25.17 30.28
C GLU C 63 -19.19 25.67 31.54
N GLN C 64 -18.39 24.80 32.12
CA GLN C 64 -17.65 25.12 33.33
C GLN C 64 -16.67 26.26 33.11
N TRP C 65 -16.36 26.57 31.84
CA TRP C 65 -15.44 27.67 31.55
C TRP C 65 -16.23 28.95 31.47
N LYS C 66 -17.44 28.86 30.92
CA LYS C 66 -18.31 30.02 30.80
C LYS C 66 -18.50 30.58 32.21
N LYS C 67 -18.72 29.69 33.17
CA LYS C 67 -18.95 30.05 34.56
C LYS C 67 -17.68 30.44 35.33
N GLU C 68 -16.52 30.36 34.70
CA GLU C 68 -15.29 30.70 35.41
C GLU C 68 -14.43 31.75 34.71
N GLN C 69 -14.73 32.07 33.46
CA GLN C 69 -13.92 33.06 32.74
C GLN C 69 -14.16 34.46 33.26
N ILE C 70 -15.15 34.59 34.12
CA ILE C 70 -15.53 35.86 34.72
C ILE C 70 -14.40 36.45 35.54
N LYS C 71 -13.83 35.64 36.41
CA LYS C 71 -12.74 36.06 37.30
C LYS C 71 -11.50 36.61 36.60
N ALA C 72 -11.54 36.70 35.28
CA ALA C 72 -10.42 37.23 34.52
C ALA C 72 -10.94 38.41 33.71
N LYS C 73 -10.52 39.62 34.10
CA LYS C 73 -10.96 40.83 33.42
C LYS C 73 -10.43 40.92 31.99
N THR C 74 -9.13 41.16 31.83
CA THR C 74 -8.51 41.26 30.51
C THR C 74 -8.52 39.89 29.86
N ASN C 75 -8.31 39.81 28.54
CA ASN C 75 -8.28 38.52 27.89
C ASN C 75 -6.91 37.88 28.11
N ARG C 76 -5.90 38.73 28.26
CA ARG C 76 -4.55 38.26 28.53
C ARG C 76 -4.67 37.28 29.70
N GLU C 77 -5.66 37.53 30.56
CA GLU C 77 -5.92 36.70 31.73
C GLU C 77 -6.81 35.50 31.41
N LYS C 78 -7.84 35.72 30.58
CA LYS C 78 -8.72 34.61 30.22
C LYS C 78 -7.86 33.50 29.62
N PHE C 79 -6.83 33.90 28.88
CA PHE C 79 -5.91 32.95 28.26
C PHE C 79 -5.26 32.18 29.40
N TYR C 80 -4.40 32.87 30.17
CA TYR C 80 -3.70 32.29 31.33
C TYR C 80 -4.60 31.36 32.13
N LEU C 81 -5.78 31.85 32.49
CA LEU C 81 -6.73 31.09 33.26
C LEU C 81 -7.26 29.86 32.54
N TYR C 82 -7.60 30.00 31.26
CA TYR C 82 -8.11 28.87 30.50
C TYR C 82 -7.10 27.72 30.55
N ASN C 83 -5.86 28.04 30.20
CA ASN C 83 -4.79 27.07 30.21
C ASN C 83 -4.65 26.40 31.55
N GLU C 84 -4.64 27.20 32.62
CA GLU C 84 -4.52 26.65 33.97
C GLU C 84 -5.66 25.71 34.30
N LEU C 85 -6.88 26.16 34.04
CA LEU C 85 -8.05 25.34 34.34
C LEU C 85 -8.01 24.03 33.59
N SER C 86 -7.21 23.97 32.53
CA SER C 86 -7.12 22.75 31.74
C SER C 86 -6.40 21.63 32.47
N LEU C 87 -5.38 21.98 33.25
CA LEU C 87 -4.62 21.00 34.00
C LEU C 87 -5.39 20.40 35.18
N THR C 88 -6.48 21.06 35.58
CA THR C 88 -7.23 20.62 36.75
C THR C 88 -8.68 20.23 36.55
N THR C 89 -9.23 20.52 35.37
CA THR C 89 -10.62 20.16 35.09
C THR C 89 -10.84 18.65 35.04
N GLU C 90 -12.02 18.21 35.42
CA GLU C 90 -12.31 16.78 35.38
C GLU C 90 -12.80 16.41 33.99
N TYR C 91 -13.09 17.43 33.18
CA TYR C 91 -13.63 17.24 31.84
C TYR C 91 -12.67 17.31 30.64
N TYR C 92 -13.06 16.64 29.55
CA TYR C 92 -12.33 16.64 28.29
C TYR C 92 -10.88 16.12 28.21
N TYR C 93 -9.94 16.98 28.57
CA TYR C 93 -8.53 16.64 28.51
C TYR C 93 -8.14 15.24 29.02
N PRO C 94 -8.93 14.64 29.92
CA PRO C 94 -8.56 13.29 30.39
C PRO C 94 -8.86 12.20 29.36
N LEU C 95 -9.67 12.53 28.35
CA LEU C 95 -10.02 11.55 27.34
C LEU C 95 -9.15 11.71 26.09
N GLN C 96 -8.15 12.57 26.18
CA GLN C 96 -7.25 12.83 25.06
C GLN C 96 -6.65 11.56 24.49
N ASN C 97 -6.09 10.73 25.34
CA ASN C 97 -5.49 9.52 24.82
C ASN C 97 -6.46 8.66 24.03
N ALA C 98 -7.69 8.54 24.52
CA ALA C 98 -8.69 7.75 23.82
C ALA C 98 -9.11 8.49 22.55
N ILE C 99 -9.19 9.82 22.60
CA ILE C 99 -9.57 10.58 21.42
C ILE C 99 -8.53 10.37 20.32
N ILE C 100 -7.25 10.37 20.69
CA ILE C 100 -6.19 10.15 19.72
C ILE C 100 -6.53 8.87 18.95
N GLU C 101 -6.54 7.73 19.66
CA GLU C 101 -6.82 6.43 19.07
C GLU C 101 -8.08 6.42 18.22
N PHE C 102 -9.15 7.00 18.74
CA PHE C 102 -10.41 7.03 18.03
C PHE C 102 -10.33 7.79 16.71
N TYR C 103 -9.54 8.85 16.67
CA TYR C 103 -9.43 9.64 15.45
C TYR C 103 -8.61 8.96 14.37
N THR C 104 -7.47 8.40 14.75
CA THR C 104 -6.63 7.76 13.77
C THR C 104 -7.41 6.63 13.13
N GLU C 105 -8.41 6.13 13.86
CA GLU C 105 -9.20 5.01 13.37
C GLU C 105 -10.44 5.38 12.58
N TYR C 106 -10.68 6.66 12.35
CA TYR C 106 -11.89 7.04 11.62
C TYR C 106 -11.81 8.28 10.72
N TYR C 107 -10.73 9.06 10.82
CA TYR C 107 -10.62 10.24 9.96
C TYR C 107 -10.89 9.75 8.54
N LYS C 108 -10.63 8.45 8.36
CA LYS C 108 -10.84 7.77 7.09
C LYS C 108 -12.32 7.92 6.77
N THR C 109 -13.13 7.04 7.36
CA THR C 109 -14.58 7.08 7.15
C THR C 109 -15.08 8.52 7.28
N ASN C 110 -15.28 9.17 6.15
CA ASN C 110 -15.71 10.57 6.11
C ASN C 110 -16.94 10.97 6.94
N SER C 111 -17.78 10.01 7.28
CA SER C 111 -18.99 10.33 8.06
C SER C 111 -18.62 10.85 9.46
N ILE C 112 -18.04 9.96 10.26
CA ILE C 112 -17.63 10.27 11.62
C ILE C 112 -16.69 11.46 11.67
N ASN C 113 -15.80 11.56 10.70
CA ASN C 113 -14.84 12.66 10.65
C ASN C 113 -15.58 13.99 10.73
N GLU C 114 -16.81 14.03 10.25
CA GLU C 114 -17.60 15.25 10.28
C GLU C 114 -17.84 15.67 11.74
N LYS C 115 -18.40 14.75 12.52
CA LYS C 115 -18.68 15.01 13.93
C LYS C 115 -17.39 15.35 14.66
N MET C 116 -16.31 14.70 14.26
CA MET C 116 -15.00 14.91 14.85
C MET C 116 -14.56 16.36 14.69
N ASN C 117 -14.64 16.88 13.46
CA ASN C 117 -14.26 18.25 13.19
C ASN C 117 -15.27 19.21 13.79
N LYS C 118 -16.55 18.87 13.69
CA LYS C 118 -17.59 19.71 14.26
C LYS C 118 -17.14 20.01 15.67
N LEU C 119 -17.06 18.95 16.48
CA LEU C 119 -16.63 19.06 17.86
C LEU C 119 -15.37 19.93 18.02
N GLU C 120 -14.27 19.52 17.41
CA GLU C 120 -13.03 20.27 17.56
C GLU C 120 -13.17 21.78 17.46
N ASN C 121 -13.99 22.26 16.53
CA ASN C 121 -14.16 23.70 16.40
C ASN C 121 -14.60 24.33 17.72
N LYS C 122 -15.38 23.61 18.51
CA LYS C 122 -15.82 24.11 19.81
C LYS C 122 -14.57 24.27 20.68
N TYR C 123 -13.84 23.17 20.85
CA TYR C 123 -12.63 23.12 21.65
C TYR C 123 -11.59 24.20 21.29
N ILE C 124 -11.54 24.60 20.02
CA ILE C 124 -10.58 25.62 19.60
C ILE C 124 -11.24 26.99 19.73
N ASP C 125 -12.56 27.00 19.66
CA ASP C 125 -13.36 28.22 19.75
C ASP C 125 -12.88 29.18 20.85
N ALA C 126 -12.83 28.65 22.08
CA ALA C 126 -12.40 29.39 23.24
C ALA C 126 -11.24 30.30 22.90
N TYR C 127 -10.18 29.71 22.35
CA TYR C 127 -9.01 30.48 21.99
C TYR C 127 -9.34 31.50 20.90
N HIS C 128 -10.18 31.10 19.94
CA HIS C 128 -10.57 32.02 18.87
C HIS C 128 -11.20 33.26 19.52
N VAL C 129 -12.13 33.02 20.45
CA VAL C 129 -12.81 34.11 21.18
C VAL C 129 -11.79 34.96 21.93
N ILE C 130 -11.10 34.36 22.90
CA ILE C 130 -10.08 35.08 23.69
C ILE C 130 -9.19 35.96 22.82
N PHE C 131 -8.70 35.41 21.71
CA PHE C 131 -7.82 36.18 20.84
C PHE C 131 -8.55 37.26 20.04
N LYS C 132 -9.76 36.95 19.58
CA LYS C 132 -10.54 37.92 18.81
C LYS C 132 -10.77 39.16 19.66
N GLU C 133 -11.53 39.01 20.74
CA GLU C 133 -11.81 40.11 21.65
C GLU C 133 -10.50 40.80 22.01
N GLY C 134 -9.45 40.00 22.16
CA GLY C 134 -8.15 40.55 22.51
C GLY C 134 -7.76 41.70 21.61
N ASN C 135 -7.98 41.53 20.31
CA ASN C 135 -7.65 42.58 19.35
C ASN C 135 -8.60 43.74 19.55
N LEU C 136 -9.89 43.42 19.65
CA LEU C 136 -10.91 44.45 19.84
C LEU C 136 -10.62 45.31 21.08
N ASN C 137 -9.93 44.73 22.06
CA ASN C 137 -9.57 45.47 23.27
C ASN C 137 -8.12 45.84 23.17
N GLY C 138 -7.62 45.87 21.95
CA GLY C 138 -6.25 46.22 21.68
C GLY C 138 -5.21 45.66 22.62
N GLU C 139 -5.37 44.41 23.02
CA GLU C 139 -4.41 43.78 23.94
C GLU C 139 -3.24 43.22 23.13
N TRP C 140 -3.45 43.12 21.82
CA TRP C 140 -2.46 42.60 20.87
C TRP C 140 -3.09 42.72 19.48
N SER C 141 -2.26 42.59 18.44
CA SER C 141 -2.76 42.66 17.08
C SER C 141 -2.37 41.36 16.37
N ILE C 142 -3.33 40.45 16.25
CA ILE C 142 -3.06 39.16 15.62
C ILE C 142 -3.57 39.01 14.19
N ASN C 143 -2.64 38.88 13.25
CA ASN C 143 -2.96 38.72 11.83
C ASN C 143 -3.89 37.53 11.62
N ASP C 144 -3.37 36.30 11.73
CA ASP C 144 -4.22 35.13 11.56
C ASP C 144 -4.60 34.55 12.91
N VAL C 145 -5.86 34.67 13.27
CA VAL C 145 -6.37 34.17 14.54
C VAL C 145 -6.59 32.67 14.55
N ASN C 146 -7.42 32.15 13.64
CA ASN C 146 -7.66 30.71 13.61
C ASN C 146 -6.34 29.95 13.65
N ALA C 147 -5.28 30.58 13.14
CA ALA C 147 -3.96 29.97 13.15
C ALA C 147 -3.49 29.88 14.60
N VAL C 148 -3.30 31.05 15.21
CA VAL C 148 -2.87 31.11 16.59
C VAL C 148 -3.83 30.32 17.48
N SER C 149 -5.13 30.48 17.26
CA SER C 149 -6.10 29.75 18.05
C SER C 149 -5.80 28.25 18.02
N LYS C 150 -5.40 27.75 16.85
CA LYS C 150 -5.10 26.33 16.71
C LYS C 150 -3.75 26.00 17.31
N ILE C 151 -2.73 26.80 16.98
CA ILE C 151 -1.39 26.60 17.51
C ILE C 151 -1.53 26.47 19.01
N ALA C 152 -2.20 27.48 19.57
CA ALA C 152 -2.45 27.58 21.00
C ALA C 152 -3.06 26.33 21.59
N ALA C 153 -4.32 26.11 21.27
CA ALA C 153 -5.04 24.96 21.77
C ALA C 153 -4.23 23.67 21.66
N ASN C 154 -3.44 23.52 20.62
CA ASN C 154 -2.67 22.29 20.48
C ASN C 154 -1.42 22.25 21.34
N ALA C 155 -0.76 23.39 21.47
CA ALA C 155 0.44 23.45 22.29
C ALA C 155 0.03 23.20 23.75
N VAL C 156 -1.06 23.81 24.20
CA VAL C 156 -1.50 23.62 25.57
C VAL C 156 -1.93 22.18 25.81
N ASN C 157 -2.78 21.66 24.92
CA ASN C 157 -3.26 20.28 25.07
C ASN C 157 -2.03 19.40 25.15
N GLY C 158 -1.01 19.81 24.43
CA GLY C 158 0.23 19.07 24.45
C GLY C 158 0.80 19.07 25.85
N ILE C 159 0.98 20.25 26.43
CA ILE C 159 1.54 20.37 27.79
C ILE C 159 0.64 19.68 28.80
N VAL C 160 -0.67 19.79 28.60
CA VAL C 160 -1.62 19.17 29.50
C VAL C 160 -1.51 17.65 29.49
N THR C 161 -1.43 17.04 28.31
CA THR C 161 -1.40 15.58 28.28
C THR C 161 -0.04 14.87 28.20
N PHE C 162 1.06 15.60 28.26
CA PHE C 162 2.36 14.95 28.22
C PHE C 162 3.14 15.24 29.51
N THR C 163 2.39 15.36 30.59
CA THR C 163 2.93 15.60 31.93
C THR C 163 1.96 15.16 33.05
N HIS C 164 1.11 14.16 32.80
CA HIS C 164 0.17 13.64 33.84
C HIS C 164 1.09 13.40 35.03
N GLU C 165 2.04 12.52 34.75
CA GLU C 165 3.12 12.08 35.60
C GLU C 165 3.41 12.82 36.92
N GLN C 166 3.89 14.06 36.80
CA GLN C 166 4.29 14.87 37.93
C GLN C 166 3.28 15.73 38.65
N ASN C 167 3.83 16.44 39.62
CA ASN C 167 3.15 17.39 40.52
C ASN C 167 2.20 18.38 39.86
N ILE C 168 0.91 18.26 40.18
CA ILE C 168 -0.10 19.14 39.60
C ILE C 168 0.23 20.62 39.80
N ASN C 169 1.14 20.92 40.72
CA ASN C 169 1.53 22.31 40.97
C ASN C 169 2.64 22.72 40.04
N GLU C 170 3.52 21.77 39.75
CA GLU C 170 4.63 22.05 38.84
C GLU C 170 3.97 22.24 37.49
N ARG C 171 3.03 21.34 37.18
CA ARG C 171 2.29 21.37 35.93
C ARG C 171 1.74 22.78 35.71
N ILE C 172 1.03 23.30 36.71
CA ILE C 172 0.47 24.65 36.62
C ILE C 172 1.56 25.72 36.49
N LYS C 173 2.74 25.43 36.99
CA LYS C 173 3.81 26.40 36.92
C LYS C 173 4.38 26.48 35.51
N LEU C 174 4.67 25.31 34.94
CA LEU C 174 5.23 25.23 33.59
C LEU C 174 4.21 25.83 32.64
N MET C 175 2.93 25.54 32.93
CA MET C 175 1.85 26.02 32.09
C MET C 175 1.79 27.51 32.02
N ASN C 176 2.14 28.18 33.10
CA ASN C 176 2.07 29.62 33.06
C ASN C 176 3.28 30.25 32.43
N LYS C 177 4.44 29.63 32.59
CA LYS C 177 5.63 30.16 31.94
C LYS C 177 5.28 30.17 30.46
N PHE C 178 4.63 29.10 30.02
CA PHE C 178 4.20 28.97 28.64
C PHE C 178 3.24 30.10 28.32
N SER C 179 2.09 30.09 28.99
CA SER C 179 1.06 31.11 28.77
C SER C 179 1.71 32.48 28.64
N GLN C 180 2.70 32.74 29.48
CA GLN C 180 3.39 34.02 29.45
C GLN C 180 4.23 34.14 28.19
N ILE C 181 5.24 33.28 28.07
CA ILE C 181 6.12 33.30 26.91
C ILE C 181 5.26 33.52 25.66
N PHE C 182 4.31 32.60 25.46
CA PHE C 182 3.42 32.68 24.32
C PHE C 182 2.84 34.07 24.12
N LEU C 183 2.10 34.56 25.10
CA LEU C 183 1.46 35.86 25.03
C LEU C 183 2.43 36.98 24.77
N ASN C 184 3.62 36.88 25.35
CA ASN C 184 4.59 37.93 25.14
C ASN C 184 5.25 37.66 23.80
N GLY C 185 4.52 36.99 22.92
CA GLY C 185 5.04 36.69 21.61
C GLY C 185 4.08 37.09 20.53
N LEU C 186 2.81 37.20 20.88
CA LEU C 186 1.79 37.56 19.90
C LEU C 186 1.91 38.95 19.30
N SER C 187 2.50 39.89 20.03
CA SER C 187 2.64 41.24 19.49
C SER C 187 4.06 41.78 19.74
N ASN D 2 16.41 -13.41 11.71
CA ASN D 2 16.25 -12.09 12.38
C ASN D 2 14.87 -11.96 13.04
N LEU D 3 14.29 -13.09 13.50
CA LEU D 3 12.98 -13.06 14.16
C LEU D 3 12.93 -11.94 15.20
N LYS D 4 14.05 -11.68 15.85
CA LYS D 4 14.12 -10.62 16.85
C LYS D 4 13.72 -9.28 16.25
N ASP D 5 14.18 -9.04 15.02
CA ASP D 5 13.86 -7.80 14.33
C ASP D 5 12.43 -7.71 13.77
N LYS D 6 11.86 -8.84 13.36
CA LYS D 6 10.50 -8.84 12.84
C LYS D 6 9.54 -8.54 13.99
N ILE D 7 9.94 -8.96 15.20
CA ILE D 7 9.16 -8.75 16.42
C ILE D 7 9.09 -7.24 16.65
N LEU D 8 10.26 -6.64 16.85
CA LEU D 8 10.36 -5.20 17.09
C LEU D 8 9.60 -4.41 16.02
N GLY D 9 9.74 -4.82 14.77
CA GLY D 9 9.08 -4.17 13.65
C GLY D 9 7.57 -4.19 13.78
N VAL D 10 6.99 -5.38 13.79
CA VAL D 10 5.55 -5.52 13.92
C VAL D 10 5.05 -4.93 15.23
N ALA D 11 5.90 -4.99 16.25
CA ALA D 11 5.53 -4.44 17.54
C ALA D 11 5.38 -2.92 17.39
N LYS D 12 6.43 -2.26 16.92
CA LYS D 12 6.39 -0.82 16.74
C LYS D 12 5.18 -0.36 15.91
N GLU D 13 4.88 -1.06 14.80
CA GLU D 13 3.74 -0.64 13.98
C GLU D 13 2.43 -0.84 14.71
N LEU D 14 2.31 -1.96 15.42
CA LEU D 14 1.07 -2.24 16.14
C LEU D 14 0.85 -1.23 17.25
N PHE D 15 1.90 -0.92 18.01
CA PHE D 15 1.76 0.05 19.08
C PHE D 15 1.29 1.40 18.53
N ILE D 16 1.83 1.80 17.38
CA ILE D 16 1.47 3.07 16.75
C ILE D 16 0.02 3.08 16.34
N LYS D 17 -0.40 2.03 15.66
CA LYS D 17 -1.75 1.91 15.18
C LYS D 17 -2.78 1.72 16.28
N ASN D 18 -2.49 0.82 17.22
CA ASN D 18 -3.42 0.48 18.31
C ASN D 18 -3.29 1.21 19.63
N GLY D 19 -2.06 1.44 20.07
CA GLY D 19 -1.86 2.07 21.35
C GLY D 19 -1.17 0.97 22.13
N TYR D 20 -0.86 1.20 23.41
CA TYR D 20 -0.16 0.19 24.19
C TYR D 20 -1.01 -0.93 24.75
N ASN D 21 -2.14 -0.56 25.34
CA ASN D 21 -3.00 -1.54 25.94
C ASN D 21 -3.55 -2.53 24.92
N ALA D 22 -4.18 -2.01 23.88
CA ALA D 22 -4.79 -2.86 22.86
C ALA D 22 -3.84 -3.71 22.03
N THR D 23 -2.54 -3.58 22.25
CA THR D 23 -1.59 -4.36 21.48
C THR D 23 -1.16 -5.54 22.30
N THR D 24 -1.64 -6.72 21.93
CA THR D 24 -1.31 -7.93 22.67
C THR D 24 -0.06 -8.62 22.13
N THR D 25 0.63 -9.33 23.01
CA THR D 25 1.85 -10.04 22.62
C THR D 25 1.51 -11.12 21.60
N GLY D 26 0.30 -11.66 21.67
CA GLY D 26 -0.11 -12.70 20.73
C GLY D 26 -0.25 -12.17 19.32
N GLU D 27 -0.86 -10.99 19.22
CA GLU D 27 -1.08 -10.29 17.96
C GLU D 27 0.26 -9.97 17.30
N ILE D 28 1.22 -9.54 18.10
CA ILE D 28 2.55 -9.23 17.60
C ILE D 28 3.12 -10.50 16.95
N VAL D 29 3.14 -11.55 17.75
CA VAL D 29 3.65 -12.86 17.33
C VAL D 29 3.08 -13.34 16.00
N LYS D 30 1.77 -13.28 15.83
CA LYS D 30 1.15 -13.73 14.58
C LYS D 30 1.68 -12.99 13.35
N LEU D 31 1.54 -11.66 13.35
CA LEU D 31 1.97 -10.81 12.24
C LEU D 31 3.47 -10.85 11.98
N SER D 32 4.23 -11.41 12.91
CA SER D 32 5.67 -11.51 12.73
C SER D 32 6.10 -12.94 12.43
N GLU D 33 5.12 -13.80 12.13
CA GLU D 33 5.36 -15.20 11.83
C GLU D 33 6.34 -15.76 12.85
N SER D 34 5.96 -15.66 14.12
CA SER D 34 6.79 -16.12 15.22
C SER D 34 5.95 -16.90 16.23
N SER D 35 6.46 -17.02 17.44
CA SER D 35 5.78 -17.73 18.52
C SER D 35 5.84 -16.91 19.81
N LYS D 36 4.78 -17.01 20.61
CA LYS D 36 4.74 -16.29 21.87
C LYS D 36 6.00 -16.66 22.66
N GLY D 37 6.35 -17.94 22.60
CA GLY D 37 7.53 -18.39 23.30
C GLY D 37 8.78 -17.68 22.80
N ASN D 38 8.95 -17.69 21.48
CA ASN D 38 10.10 -17.03 20.88
C ASN D 38 10.21 -15.57 21.32
N LEU D 39 9.09 -14.86 21.32
CA LEU D 39 9.09 -13.45 21.71
C LEU D 39 9.55 -13.33 23.15
N TYR D 40 8.93 -14.14 24.02
CA TYR D 40 9.23 -14.13 25.45
C TYR D 40 10.68 -14.42 25.75
N TYR D 41 11.30 -15.28 24.95
CA TYR D 41 12.72 -15.59 25.12
C TYR D 41 13.57 -14.36 24.79
N HIS D 42 13.35 -13.77 23.61
CA HIS D 42 14.09 -12.58 23.15
C HIS D 42 13.89 -11.35 24.04
N PHE D 43 12.64 -11.10 24.41
CA PHE D 43 12.31 -9.97 25.28
C PHE D 43 11.55 -10.59 26.45
N LYS D 44 11.90 -10.22 27.68
CA LYS D 44 11.25 -10.78 28.88
C LYS D 44 9.73 -10.70 28.85
N THR D 45 9.21 -9.50 28.64
CA THR D 45 7.77 -9.24 28.62
C THR D 45 7.41 -8.17 27.59
N LYS D 46 6.12 -7.90 27.45
CA LYS D 46 5.66 -6.89 26.51
C LYS D 46 6.22 -5.54 26.93
N GLU D 47 6.12 -5.25 28.22
CA GLU D 47 6.62 -4.00 28.77
C GLU D 47 8.09 -3.83 28.41
N ASN D 48 8.90 -4.84 28.67
CA ASN D 48 10.32 -4.77 28.35
C ASN D 48 10.50 -4.54 26.85
N LEU D 49 9.75 -5.29 26.04
CA LEU D 49 9.81 -5.15 24.58
C LEU D 49 9.52 -3.72 24.17
N PHE D 50 8.47 -3.15 24.73
CA PHE D 50 8.09 -1.79 24.40
C PHE D 50 9.14 -0.80 24.83
N LEU D 51 9.82 -1.11 25.91
CA LEU D 51 10.84 -0.23 26.42
C LEU D 51 12.07 -0.23 25.49
N GLU D 52 12.32 -1.33 24.80
CA GLU D 52 13.44 -1.40 23.88
C GLU D 52 13.11 -0.64 22.62
N ILE D 53 11.87 -0.76 22.16
CA ILE D 53 11.43 -0.05 20.97
C ILE D 53 11.64 1.43 21.27
N LEU D 54 11.43 1.80 22.53
CA LEU D 54 11.60 3.19 22.95
C LEU D 54 13.05 3.62 22.89
N ASN D 55 13.94 2.73 23.29
CA ASN D 55 15.34 3.10 23.25
C ASN D 55 15.81 3.31 21.83
N ILE D 56 15.36 2.44 20.94
CA ILE D 56 15.73 2.56 19.55
C ILE D 56 15.25 3.87 18.95
N GLU D 57 13.97 4.18 19.13
CA GLU D 57 13.47 5.43 18.60
C GLU D 57 14.34 6.59 19.09
N GLU D 58 14.49 6.75 20.39
CA GLU D 58 15.33 7.84 20.91
C GLU D 58 16.67 7.88 20.18
N SER D 59 17.35 6.75 20.14
CA SER D 59 18.62 6.66 19.47
C SER D 59 18.49 7.08 18.01
N LYS D 60 17.62 6.43 17.25
CA LYS D 60 17.45 6.78 15.85
C LYS D 60 17.13 8.27 15.66
N TRP D 61 16.34 8.84 16.58
CA TRP D 61 15.94 10.24 16.52
C TRP D 61 17.07 11.18 16.86
N GLN D 62 17.88 10.80 17.83
CA GLN D 62 19.00 11.61 18.26
C GLN D 62 20.00 11.70 17.10
N GLU D 63 20.23 10.54 16.49
CA GLU D 63 21.17 10.39 15.37
C GLU D 63 20.70 11.16 14.14
N GLN D 64 19.40 11.22 13.96
CA GLN D 64 18.84 11.95 12.84
C GLN D 64 18.98 13.46 13.10
N TRP D 65 18.80 13.89 14.34
CA TRP D 65 18.92 15.30 14.70
C TRP D 65 20.36 15.72 14.66
N LYS D 66 21.27 14.78 14.96
CA LYS D 66 22.69 15.06 14.95
C LYS D 66 23.07 15.55 13.55
N LYS D 67 22.57 14.86 12.53
CA LYS D 67 22.84 15.23 11.16
C LYS D 67 22.09 16.49 10.76
N GLU D 68 20.78 16.40 10.77
CA GLU D 68 19.93 17.52 10.40
C GLU D 68 20.28 18.90 10.95
N GLN D 69 20.73 18.96 12.20
CA GLN D 69 21.03 20.25 12.83
C GLN D 69 22.14 21.03 12.16
N ILE D 70 23.12 20.32 11.60
CA ILE D 70 24.21 20.99 10.90
C ILE D 70 23.60 22.00 9.93
N LYS D 71 22.49 21.63 9.30
CA LYS D 71 21.82 22.48 8.31
C LYS D 71 21.42 23.86 8.80
N ALA D 72 21.32 24.05 10.11
CA ALA D 72 20.95 25.35 10.63
C ALA D 72 22.12 26.09 11.30
N LYS D 73 22.32 27.32 10.84
CA LYS D 73 23.35 28.22 11.31
C LYS D 73 23.13 28.53 12.78
N THR D 74 22.20 29.43 13.01
CA THR D 74 21.82 29.91 14.33
C THR D 74 20.93 28.94 15.10
N ASN D 75 20.88 29.11 16.43
CA ASN D 75 20.03 28.29 17.27
C ASN D 75 18.61 28.69 16.98
N ARG D 76 18.38 29.98 16.70
CA ARG D 76 17.05 30.47 16.39
C ARG D 76 16.51 29.57 15.28
N GLU D 77 17.40 29.23 14.35
CA GLU D 77 17.04 28.40 13.22
C GLU D 77 16.90 26.93 13.63
N LYS D 78 17.84 26.41 14.40
CA LYS D 78 17.75 25.02 14.83
C LYS D 78 16.40 24.74 15.50
N PHE D 79 15.93 25.68 16.31
CA PHE D 79 14.65 25.52 16.97
C PHE D 79 13.56 25.28 15.92
N TYR D 80 13.54 26.12 14.88
CA TYR D 80 12.57 26.00 13.78
C TYR D 80 12.73 24.61 13.15
N LEU D 81 13.92 24.35 12.61
CA LEU D 81 14.23 23.09 11.96
C LEU D 81 13.79 21.90 12.80
N TYR D 82 14.15 21.88 14.09
CA TYR D 82 13.75 20.78 14.95
C TYR D 82 12.23 20.61 15.09
N ASN D 83 11.51 21.69 15.38
CA ASN D 83 10.05 21.62 15.54
C ASN D 83 9.39 21.20 14.25
N GLU D 84 10.13 21.30 13.16
CA GLU D 84 9.59 20.96 11.86
C GLU D 84 9.86 19.49 11.57
N LEU D 85 11.08 19.05 11.86
CA LEU D 85 11.42 17.67 11.66
C LEU D 85 10.50 16.82 12.51
N SER D 86 10.02 17.36 13.61
CA SER D 86 9.14 16.60 14.47
C SER D 86 7.89 16.15 13.75
N LEU D 87 7.41 17.01 12.85
CA LEU D 87 6.21 16.73 12.08
C LEU D 87 6.38 15.65 11.03
N THR D 88 7.61 15.42 10.59
CA THR D 88 7.86 14.49 9.52
C THR D 88 8.79 13.36 9.86
N THR D 89 9.23 13.26 11.09
CA THR D 89 10.14 12.16 11.40
C THR D 89 9.31 10.92 11.67
N GLU D 90 9.82 9.77 11.28
CA GLU D 90 9.08 8.55 11.52
C GLU D 90 9.49 8.05 12.90
N TYR D 91 10.33 8.83 13.58
CA TYR D 91 10.85 8.45 14.89
C TYR D 91 10.21 9.08 16.12
N TYR D 92 10.05 8.26 17.16
CA TYR D 92 9.48 8.64 18.44
C TYR D 92 8.09 9.29 18.42
N TYR D 93 7.93 10.42 17.75
CA TYR D 93 6.65 11.11 17.73
C TYR D 93 5.42 10.29 17.34
N PRO D 94 5.60 9.29 16.45
CA PRO D 94 4.41 8.49 16.08
C PRO D 94 3.93 7.58 17.21
N LEU D 95 4.77 7.40 18.23
CA LEU D 95 4.47 6.53 19.36
C LEU D 95 3.97 7.23 20.62
N GLN D 96 3.75 8.54 20.56
CA GLN D 96 3.28 9.29 21.74
C GLN D 96 2.18 8.60 22.49
N ASN D 97 1.11 8.29 21.77
CA ASN D 97 -0.04 7.66 22.37
C ASN D 97 0.35 6.46 23.21
N ALA D 98 0.99 5.49 22.57
CA ALA D 98 1.43 4.29 23.27
C ALA D 98 2.35 4.66 24.42
N ILE D 99 3.13 5.73 24.25
CA ILE D 99 4.03 6.16 25.30
C ILE D 99 3.31 6.80 26.48
N ILE D 100 2.26 7.57 26.25
CA ILE D 100 1.59 8.16 27.40
C ILE D 100 0.87 7.01 28.13
N GLU D 101 0.19 6.16 27.38
CA GLU D 101 -0.51 5.02 27.96
C GLU D 101 0.46 4.21 28.81
N PHE D 102 1.52 3.73 28.18
CA PHE D 102 2.52 2.93 28.87
C PHE D 102 3.05 3.62 30.11
N TYR D 103 3.35 4.90 29.99
CA TYR D 103 3.88 5.64 31.12
C TYR D 103 2.90 5.78 32.28
N THR D 104 1.64 6.12 31.99
CA THR D 104 0.69 6.26 33.09
C THR D 104 0.47 4.89 33.72
N GLU D 105 0.63 3.84 32.91
CA GLU D 105 0.40 2.51 33.45
C GLU D 105 1.56 1.93 34.23
N TYR D 106 2.74 2.52 34.14
CA TYR D 106 3.89 1.97 34.86
C TYR D 106 4.75 3.01 35.52
N TYR D 107 4.24 4.24 35.67
CA TYR D 107 5.02 5.31 36.30
C TYR D 107 5.26 4.92 37.74
N LYS D 108 4.52 3.92 38.21
CA LYS D 108 4.64 3.44 39.58
C LYS D 108 5.89 2.59 39.80
N THR D 109 6.19 1.69 38.86
CA THR D 109 7.38 0.84 39.00
C THR D 109 8.63 1.69 39.06
N ASN D 110 9.57 1.28 39.90
CA ASN D 110 10.81 2.04 40.08
C ASN D 110 11.72 2.09 38.86
N SER D 111 12.18 0.93 38.38
CA SER D 111 13.09 0.91 37.23
C SER D 111 12.37 1.34 35.95
N ILE D 112 11.16 0.83 35.76
CA ILE D 112 10.39 1.17 34.57
C ILE D 112 10.20 2.69 34.48
N ASN D 113 10.30 3.37 35.63
CA ASN D 113 10.13 4.82 35.67
C ASN D 113 11.46 5.57 35.59
N GLU D 114 12.55 4.93 35.97
CA GLU D 114 13.87 5.58 35.89
C GLU D 114 14.28 5.48 34.43
N LYS D 115 14.22 4.27 33.89
CA LYS D 115 14.57 4.05 32.49
C LYS D 115 13.74 5.00 31.65
N MET D 116 12.51 5.23 32.09
CA MET D 116 11.55 6.10 31.40
C MET D 116 11.90 7.59 31.48
N ASN D 117 12.24 8.06 32.68
CA ASN D 117 12.61 9.46 32.87
C ASN D 117 13.89 9.76 32.11
N LYS D 118 14.80 8.79 32.11
CA LYS D 118 16.06 8.96 31.41
C LYS D 118 15.75 9.22 29.94
N LEU D 119 14.81 8.46 29.37
CA LEU D 119 14.43 8.67 27.98
C LEU D 119 13.85 10.07 27.86
N GLU D 120 12.84 10.36 28.68
CA GLU D 120 12.19 11.66 28.66
C GLU D 120 13.23 12.77 28.66
N ASN D 121 14.29 12.56 29.44
CA ASN D 121 15.35 13.55 29.54
C ASN D 121 16.05 13.78 28.21
N LYS D 122 16.50 12.70 27.56
CA LYS D 122 17.18 12.85 26.29
C LYS D 122 16.37 13.66 25.30
N TYR D 123 15.07 13.36 25.20
CA TYR D 123 14.26 14.12 24.28
C TYR D 123 14.37 15.60 24.61
N ILE D 124 13.98 15.98 25.82
CA ILE D 124 14.04 17.39 26.24
C ILE D 124 15.42 18.02 26.04
N ASP D 125 16.47 17.23 26.29
CA ASP D 125 17.82 17.74 26.14
C ASP D 125 18.06 18.44 24.82
N ALA D 126 17.36 18.00 23.78
CA ALA D 126 17.51 18.61 22.47
C ALA D 126 17.22 20.10 22.57
N TYR D 127 16.07 20.41 23.17
CA TYR D 127 15.65 21.79 23.35
C TYR D 127 16.58 22.51 24.33
N HIS D 128 17.05 21.75 25.32
CA HIS D 128 17.95 22.29 26.34
C HIS D 128 19.20 22.87 25.69
N VAL D 129 19.89 22.05 24.89
CA VAL D 129 21.10 22.48 24.20
C VAL D 129 20.87 23.68 23.30
N ILE D 130 19.74 23.71 22.62
CA ILE D 130 19.45 24.84 21.74
C ILE D 130 19.33 26.12 22.58
N PHE D 131 18.52 26.07 23.63
CA PHE D 131 18.33 27.25 24.49
C PHE D 131 19.56 27.68 25.28
N LYS D 132 20.47 26.76 25.56
CA LYS D 132 21.69 27.11 26.26
C LYS D 132 22.58 27.85 25.28
N GLU D 133 23.03 27.12 24.25
CA GLU D 133 23.88 27.70 23.23
C GLU D 133 23.23 28.98 22.75
N GLY D 134 21.90 29.02 22.83
CA GLY D 134 21.19 30.21 22.42
C GLY D 134 21.57 31.39 23.30
N ASN D 135 21.57 31.15 24.62
CA ASN D 135 21.93 32.19 25.58
C ASN D 135 23.33 32.74 25.32
N LEU D 136 24.33 31.87 25.44
CA LEU D 136 25.71 32.30 25.22
C LEU D 136 26.05 32.62 23.77
N ASN D 137 25.07 33.13 23.04
CA ASN D 137 25.26 33.53 21.64
C ASN D 137 24.45 34.78 21.40
N GLY D 138 23.86 35.31 22.47
CA GLY D 138 23.09 36.53 22.40
C GLY D 138 21.83 36.48 21.57
N GLU D 139 21.35 35.28 21.29
CA GLU D 139 20.13 35.14 20.50
C GLU D 139 18.96 35.39 21.42
N TRP D 140 19.24 35.26 22.71
CA TRP D 140 18.22 35.46 23.72
C TRP D 140 18.81 35.29 25.10
N SER D 141 17.98 35.59 26.10
CA SER D 141 18.33 35.46 27.51
C SER D 141 17.15 34.69 28.12
N ILE D 142 17.46 33.64 28.86
CA ILE D 142 16.40 32.81 29.45
C ILE D 142 16.51 32.54 30.95
N ASN D 143 15.42 32.84 31.66
CA ASN D 143 15.34 32.62 33.09
C ASN D 143 15.95 31.27 33.44
N ASP D 144 15.16 30.21 33.32
CA ASP D 144 15.60 28.85 33.59
C ASP D 144 15.32 27.97 32.37
N VAL D 145 16.38 27.66 31.65
CA VAL D 145 16.34 26.82 30.45
C VAL D 145 15.54 25.55 30.70
N ASN D 146 15.87 24.85 31.78
CA ASN D 146 15.20 23.62 32.13
C ASN D 146 13.70 23.73 32.02
N ALA D 147 13.15 24.85 32.45
CA ALA D 147 11.71 25.06 32.40
C ALA D 147 11.24 25.16 30.96
N VAL D 148 11.68 26.24 30.31
CA VAL D 148 11.30 26.51 28.92
C VAL D 148 11.49 25.29 27.99
N SER D 149 12.49 24.47 28.29
CA SER D 149 12.76 23.28 27.48
C SER D 149 11.66 22.20 27.59
N LYS D 150 11.09 22.04 28.78
CA LYS D 150 10.02 21.07 28.96
C LYS D 150 8.81 21.67 28.26
N ILE D 151 8.68 22.99 28.36
CA ILE D 151 7.56 23.69 27.73
C ILE D 151 7.60 23.47 26.23
N ALA D 152 8.74 23.74 25.61
CA ALA D 152 8.87 23.57 24.18
C ALA D 152 8.50 22.14 23.79
N ALA D 153 9.32 21.20 24.23
CA ALA D 153 9.11 19.79 23.93
C ALA D 153 7.66 19.34 24.03
N ASN D 154 6.96 19.73 25.08
CA ASN D 154 5.58 19.33 25.20
C ASN D 154 4.64 20.06 24.28
N ALA D 155 4.82 21.37 24.13
CA ALA D 155 3.92 22.10 23.23
C ALA D 155 4.11 21.63 21.79
N VAL D 156 5.37 21.45 21.36
CA VAL D 156 5.61 21.01 20.00
C VAL D 156 5.05 19.62 19.84
N ASN D 157 5.29 18.78 20.82
CA ASN D 157 4.79 17.43 20.81
C ASN D 157 3.26 17.50 20.67
N GLY D 158 2.67 18.52 21.29
CA GLY D 158 1.23 18.67 21.22
C GLY D 158 0.76 19.08 19.84
N ILE D 159 1.52 19.93 19.16
CA ILE D 159 1.15 20.36 17.82
C ILE D 159 1.30 19.19 16.88
N VAL D 160 2.40 18.45 17.03
CA VAL D 160 2.63 17.28 16.19
C VAL D 160 1.53 16.25 16.36
N THR D 161 1.36 15.70 17.55
CA THR D 161 0.34 14.68 17.72
C THR D 161 -1.07 15.22 17.91
N PHE D 162 -1.43 16.29 17.22
CA PHE D 162 -2.77 16.85 17.32
C PHE D 162 -3.16 17.55 16.03
N THR D 163 -2.35 17.34 15.00
CA THR D 163 -2.62 17.87 13.68
C THR D 163 -2.19 16.80 12.68
N HIS D 164 -1.94 15.58 13.18
CA HIS D 164 -1.52 14.44 12.32
C HIS D 164 -2.66 14.14 11.35
N GLU D 165 -3.61 15.06 11.30
CA GLU D 165 -4.78 14.98 10.45
C GLU D 165 -4.52 15.85 9.22
N GLN D 166 -4.47 17.16 9.44
CA GLN D 166 -4.25 18.14 8.38
C GLN D 166 -3.15 17.71 7.41
N ASN D 167 -3.01 18.42 6.29
CA ASN D 167 -1.99 18.09 5.31
C ASN D 167 -0.61 18.62 5.70
N ILE D 168 0.41 17.81 5.50
CA ILE D 168 1.78 18.15 5.86
C ILE D 168 2.23 19.60 5.68
N ASN D 169 1.75 20.30 4.68
CA ASN D 169 2.20 21.66 4.50
C ASN D 169 1.46 22.63 5.40
N GLU D 170 0.26 22.27 5.80
CA GLU D 170 -0.49 23.13 6.70
C GLU D 170 0.20 22.97 8.06
N ARG D 171 0.54 21.73 8.39
CA ARG D 171 1.21 21.43 9.64
C ARG D 171 2.50 22.23 9.75
N ILE D 172 3.38 22.11 8.76
CA ILE D 172 4.63 22.84 8.81
C ILE D 172 4.40 24.36 8.88
N LYS D 173 3.23 24.80 8.43
CA LYS D 173 2.91 26.21 8.46
C LYS D 173 2.58 26.60 9.91
N LEU D 174 1.72 25.81 10.55
CA LEU D 174 1.35 26.05 11.94
C LEU D 174 2.58 25.98 12.84
N MET D 175 3.39 24.95 12.65
CA MET D 175 4.59 24.76 13.45
C MET D 175 5.52 25.95 13.31
N ASN D 176 5.65 26.49 12.11
CA ASN D 176 6.55 27.63 11.95
C ASN D 176 6.01 28.85 12.67
N LYS D 177 4.69 29.05 12.64
CA LYS D 177 4.10 30.19 13.32
C LYS D 177 4.43 30.03 14.80
N PHE D 178 4.00 28.91 15.39
CA PHE D 178 4.29 28.66 16.79
C PHE D 178 5.75 28.98 17.07
N SER D 179 6.65 28.29 16.39
CA SER D 179 8.08 28.53 16.61
C SER D 179 8.37 30.01 16.70
N GLN D 180 7.90 30.75 15.68
CA GLN D 180 8.10 32.19 15.64
C GLN D 180 7.56 32.78 16.93
N ILE D 181 6.23 32.83 17.07
CA ILE D 181 5.61 33.35 18.28
C ILE D 181 6.41 33.00 19.55
N PHE D 182 6.66 31.72 19.75
CA PHE D 182 7.38 31.24 20.93
C PHE D 182 8.80 31.80 21.08
N LEU D 183 9.57 31.78 20.02
CA LEU D 183 10.93 32.28 20.11
C LEU D 183 10.86 33.78 20.38
N ASN D 184 9.83 34.39 19.84
CA ASN D 184 9.62 35.82 19.98
C ASN D 184 9.20 36.12 21.43
N GLY D 185 8.36 35.25 21.99
CA GLY D 185 7.90 35.42 23.34
C GLY D 185 9.05 35.43 24.34
N LEU D 186 10.19 34.90 23.94
CA LEU D 186 11.37 34.88 24.83
C LEU D 186 11.95 36.29 24.90
N SER D 187 13.25 36.43 25.19
CA SER D 187 13.83 37.77 25.28
C SER D 187 15.33 37.80 25.01
#